data_6OY9
#
_entry.id   6OY9
#
_cell.length_a   1.00
_cell.length_b   1.00
_cell.length_c   1.00
_cell.angle_alpha   90.00
_cell.angle_beta   90.00
_cell.angle_gamma   90.00
#
_symmetry.space_group_name_H-M   'P 1'
#
loop_
_entity.id
_entity.type
_entity.pdbx_description
1 polymer 'Gt-alpha/Gi1-alpha chimera'
2 polymer 'Guanine nucleotide-binding protein G(I)/G(S)/G(T) subunit beta-1'
3 polymer 'Guanine nucleotide-binding protein G(T) subunit gamma-T1'
4 polymer Rhodopsin
5 non-polymer RETINAL
#
loop_
_entity_poly.entity_id
_entity_poly.type
_entity_poly.pdbx_seq_one_letter_code
_entity_poly.pdbx_strand_id
1 'polypeptide(L)'
;MAHHHHHHAMGAGASAEEKHSRELEKKLKEDAEKDARTVKLLLLGAGESGKSTIVKQMKIIHQDGYSLEECLEFIAIIYG
NTLQSILAIVRAMTTLNIQYGDSARQDDARKLMHMADTIEEGTMPKEMSDIIQRLWKDSGIQACFDRASEYQLNDSAGYY
LSDLERLVTPGYVPTEQDVLRSRVKTTGIIETQFSFKDLNFRMFDVGGQRSERKKWIHCFEGVTAIIFCVALSDYDMVLV
EDDEVNRMHESMHLFNSICNNKWFTDTSIILFLNKKDLFEEKIKKSPLSICFPDYAGSNTYEEAGNYIKVQFLELNMRRD
VKEIYSHMTCATDTQNVKFVFDAVTDIIIKENLKDCGLF
;
A
2 'polypeptide(L)'
;MSELDQLRQEAEQLKNQIRDARKACADATLSQITNNIDPVGRIQMRTRRTLRGHLAKIYAMHWGTDSRLLLSASQDGKLI
IWDSYTTNKVHAIPLRSSWVMTCAYAPSGNYVACGGLDNICSIYNLKTREGNVRVSRELAGHTGYLSCCRFLDDNQIVTS
SGDTTCALWDIETGQQTTTFTGHTGDVMSLSLAPDTRLFVSGACDASAKLWDVREGMCRQTFTGHESDINAICFFPNGNA
FATGSDDATCRLFDLRADQELMTYSHDNIICGITSVSFSKSGRLLLAGYDDFNCNVWDALKADRAGVLAGHDNRVSCLGV
TDDGMAVATGSWDSFLKIWN
;
B
3 'polypeptide(L)'
;MPVINIEDPVINIEDLTEKDKLKMEVDQLKKEVTLERMLVSKCCEEFRDYVEERSGEDPLVKGIPEDKNPFKELKGGCVI
S
;
G
4 'polypeptide(L)'
;MNGTEGPNFYVPFSNKTGVVRSPFEAPQYYLAEPWQFSMLAAYMFLLIMLGFPINFLTLYVTVQHKKLRTPLNYILLNLA
VADLFMVFGGFTTTLYTSLHGYFVFGPTGCNLEGFFATLGGEIALWSLVVLAIERYVVVCKPMSNFRFGENHAIMGVAFT
WVMALACAAPPLVGWSRYIPEGMQCSCGIDYYTPHEETNNESFVIYMFVVHFIIPLIVIFFCYGQLVFTVKEAAAQQQES
ATTQKAEKEVTRMVIIMVIAFLICWLPYAGVAFYIFTHQGSDFGPIFMTIPAFFAKTSAVYNPVIYIMMNKQFRNCMVTT
LCCGKNPLGDDEASTTVSKTETSQVAPA
;
R
#
# COMPACT_ATOMS: atom_id res chain seq x y z
N SER A 15 25.53 -25.61 5.12
CA SER A 15 24.82 -24.35 5.12
C SER A 15 24.84 -23.72 3.72
N ALA A 16 25.12 -24.57 2.73
CA ALA A 16 25.27 -24.09 1.36
C ALA A 16 23.97 -23.55 0.80
N GLU A 17 22.85 -24.20 1.16
CA GLU A 17 21.53 -23.75 0.73
C GLU A 17 21.20 -22.38 1.29
N GLU A 18 21.53 -22.17 2.57
CA GLU A 18 21.26 -20.90 3.22
C GLU A 18 22.11 -19.79 2.63
N LYS A 19 23.39 -20.08 2.35
CA LYS A 19 24.24 -19.04 1.77
C LYS A 19 23.83 -18.73 0.33
N HIS A 20 23.31 -19.72 -0.39
CA HIS A 20 22.75 -19.48 -1.71
C HIS A 20 21.54 -18.56 -1.64
N SER A 21 20.66 -18.80 -0.65
CA SER A 21 19.48 -17.97 -0.52
C SER A 21 19.83 -16.55 -0.08
N ARG A 22 20.89 -16.40 0.73
CA ARG A 22 21.33 -15.06 1.11
C ARG A 22 21.87 -14.28 -0.08
N GLU A 23 22.64 -14.95 -0.96
CA GLU A 23 23.13 -14.28 -2.16
C GLU A 23 21.99 -13.88 -3.09
N LEU A 24 21.00 -14.77 -3.25
CA LEU A 24 19.83 -14.44 -4.07
C LEU A 24 19.03 -13.31 -3.46
N GLU A 25 18.96 -13.25 -2.13
CA GLU A 25 18.21 -12.19 -1.46
C GLU A 25 18.87 -10.83 -1.66
N LYS A 26 20.22 -10.81 -1.61
CA LYS A 26 20.93 -9.57 -1.88
C LYS A 26 20.72 -9.13 -3.32
N LYS A 27 20.68 -10.08 -4.26
CA LYS A 27 20.43 -9.72 -5.66
C LYS A 27 19.02 -9.18 -5.86
N LEU A 28 18.05 -9.75 -5.16
CA LEU A 28 16.66 -9.33 -5.28
C LEU A 28 16.47 -7.92 -4.74
N LYS A 29 17.03 -7.63 -3.56
CA LYS A 29 16.88 -6.29 -3.00
C LYS A 29 17.66 -5.25 -3.80
N GLU A 30 18.80 -5.66 -4.39
CA GLU A 30 19.54 -4.74 -5.23
C GLU A 30 18.73 -4.36 -6.47
N ASP A 31 18.07 -5.34 -7.10
CA ASP A 31 17.26 -5.01 -8.26
C ASP A 31 16.02 -4.21 -7.86
N ALA A 32 15.50 -4.41 -6.64
CA ALA A 32 14.35 -3.64 -6.18
C ALA A 32 14.71 -2.17 -6.01
N GLU A 33 15.82 -1.88 -5.34
CA GLU A 33 16.24 -0.50 -5.20
C GLU A 33 16.71 0.10 -6.52
N LYS A 34 17.10 -0.73 -7.48
CA LYS A 34 17.31 -0.21 -8.83
C LYS A 34 15.99 0.16 -9.49
N ASP A 35 14.95 -0.64 -9.27
CA ASP A 35 13.67 -0.43 -9.92
C ASP A 35 12.94 0.80 -9.36
N ALA A 36 13.21 1.14 -8.10
CA ALA A 36 12.37 2.13 -7.42
C ALA A 36 12.52 3.56 -7.97
N ARG A 37 13.59 3.87 -8.68
CA ARG A 37 13.80 5.25 -9.11
C ARG A 37 13.30 5.51 -10.52
N THR A 38 12.05 5.17 -10.81
CA THR A 38 11.44 5.48 -12.10
C THR A 38 10.05 6.04 -11.88
N VAL A 39 9.51 6.68 -12.89
CA VAL A 39 8.18 7.25 -12.83
C VAL A 39 7.33 6.50 -13.84
N LYS A 40 6.57 5.52 -13.39
CA LYS A 40 5.77 4.69 -14.28
C LYS A 40 4.55 5.46 -14.73
N LEU A 41 4.50 5.83 -16.00
CA LEU A 41 3.33 6.50 -16.51
C LEU A 41 2.42 5.50 -17.21
N LEU A 42 1.14 5.83 -17.29
CA LEU A 42 0.14 5.03 -18.00
C LEU A 42 -0.50 5.88 -19.07
N LEU A 43 -0.42 5.45 -20.31
CA LEU A 43 -1.12 6.10 -21.40
C LEU A 43 -2.40 5.34 -21.67
N LEU A 44 -3.39 6.02 -22.25
CA LEU A 44 -4.56 5.36 -22.82
C LEU A 44 -5.22 6.31 -23.80
N GLY A 45 -6.42 5.96 -24.24
CA GLY A 45 -7.21 6.83 -25.09
C GLY A 45 -7.79 6.09 -26.28
N ALA A 46 -9.07 6.29 -26.56
CA ALA A 46 -9.75 5.52 -27.58
C ALA A 46 -9.50 6.11 -28.97
N GLY A 47 -9.83 5.31 -29.99
CA GLY A 47 -9.88 5.75 -31.37
C GLY A 47 -8.52 6.08 -31.97
N GLU A 48 -8.56 6.83 -33.07
CA GLU A 48 -7.36 7.32 -33.75
C GLU A 48 -6.95 8.66 -33.15
N SER A 49 -6.69 8.65 -31.86
CA SER A 49 -6.48 9.89 -31.12
C SER A 49 -4.99 10.14 -30.89
N GLY A 50 -4.26 10.30 -31.98
CA GLY A 50 -2.92 10.84 -31.94
C GLY A 50 -1.89 10.01 -31.19
N LYS A 51 -2.15 8.72 -31.00
CA LYS A 51 -1.19 7.86 -30.30
C LYS A 51 0.11 7.75 -31.06
N SER A 52 0.01 7.65 -32.38
CA SER A 52 1.19 7.57 -33.22
C SER A 52 2.03 8.83 -33.12
N THR A 53 1.39 9.99 -33.11
CA THR A 53 2.11 11.25 -33.00
C THR A 53 2.74 11.40 -31.62
N ILE A 54 2.00 11.04 -30.57
CA ILE A 54 2.52 11.24 -29.24
C ILE A 54 3.55 10.18 -28.87
N VAL A 55 3.61 9.07 -29.60
CA VAL A 55 4.67 8.11 -29.34
C VAL A 55 5.87 8.32 -30.26
N LYS A 56 5.68 9.00 -31.40
CA LYS A 56 6.84 9.42 -32.17
C LYS A 56 7.53 10.57 -31.50
N GLN A 57 6.76 11.51 -30.97
CA GLN A 57 7.33 12.73 -30.41
C GLN A 57 7.87 12.56 -29.00
N MET A 58 8.10 11.33 -28.57
CA MET A 58 8.58 11.12 -27.21
C MET A 58 9.93 10.45 -27.16
N LYS A 59 10.17 9.41 -27.95
CA LYS A 59 11.33 8.57 -27.70
C LYS A 59 12.60 9.16 -28.29
N ILE A 60 12.68 9.30 -29.61
CA ILE A 60 13.95 9.44 -30.31
C ILE A 60 14.19 10.85 -30.84
N ILE A 61 13.19 11.73 -30.80
CA ILE A 61 13.37 13.06 -31.37
C ILE A 61 14.28 13.94 -30.53
N HIS A 62 14.46 13.64 -29.24
CA HIS A 62 15.31 14.50 -28.43
C HIS A 62 16.78 14.27 -28.73
N GLN A 63 17.17 13.02 -28.97
CA GLN A 63 18.56 12.70 -29.25
C GLN A 63 18.91 12.83 -30.72
N ASP A 64 18.00 13.38 -31.54
CA ASP A 64 18.13 13.55 -32.99
C ASP A 64 18.42 12.23 -33.72
N THR A 187 0.93 -8.00 -29.79
CA THR A 187 -0.43 -7.48 -29.67
C THR A 187 -0.80 -7.30 -28.21
N GLY A 188 0.18 -7.41 -27.33
CA GLY A 188 -0.06 -7.19 -25.92
C GLY A 188 -0.03 -5.73 -25.57
N ILE A 189 0.72 -5.36 -24.54
CA ILE A 189 0.92 -3.96 -24.19
C ILE A 189 2.31 -3.56 -24.65
N ILE A 190 2.42 -2.37 -25.21
CA ILE A 190 3.64 -1.92 -25.87
C ILE A 190 4.35 -0.97 -24.93
N GLU A 191 5.51 -1.38 -24.44
CA GLU A 191 6.23 -0.64 -23.42
C GLU A 191 7.33 0.17 -24.10
N THR A 192 7.05 1.43 -24.37
CA THR A 192 8.08 2.34 -24.86
C THR A 192 8.71 3.08 -23.69
N GLN A 193 10.01 3.30 -23.78
CA GLN A 193 10.81 3.79 -22.67
C GLN A 193 11.67 4.93 -23.14
N PHE A 194 11.64 6.04 -22.43
CA PHE A 194 12.43 7.20 -22.78
C PHE A 194 12.95 7.85 -21.51
N SER A 195 13.94 8.71 -21.68
CA SER A 195 14.53 9.42 -20.55
C SER A 195 14.96 10.79 -21.02
N PHE A 196 14.75 11.79 -20.17
CA PHE A 196 15.11 13.16 -20.50
C PHE A 196 15.29 13.93 -19.21
N LYS A 197 16.38 14.70 -19.13
CA LYS A 197 16.66 15.66 -18.07
C LYS A 197 16.65 15.00 -16.69
N ASP A 198 17.65 14.12 -16.51
CA ASP A 198 18.03 13.47 -15.24
C ASP A 198 16.87 12.74 -14.55
N LEU A 199 15.85 12.33 -15.28
CA LEU A 199 14.74 11.55 -14.71
C LEU A 199 14.29 10.53 -15.75
N ASN A 200 14.48 9.25 -15.43
CA ASN A 200 14.22 8.17 -16.36
C ASN A 200 12.77 7.70 -16.29
N PHE A 201 12.08 7.73 -17.42
CA PHE A 201 10.65 7.47 -17.48
C PHE A 201 10.40 6.03 -17.89
N ARG A 202 9.11 5.67 -17.91
CA ARG A 202 8.61 4.44 -18.50
C ARG A 202 7.10 4.55 -18.65
N MET A 203 6.57 4.34 -19.85
CA MET A 203 5.14 4.44 -20.08
C MET A 203 4.63 3.19 -20.78
N PHE A 204 3.38 2.86 -20.56
CA PHE A 204 2.76 1.69 -21.16
C PHE A 204 1.71 2.13 -22.16
N ASP A 205 1.03 1.15 -22.74
CA ASP A 205 -0.04 1.43 -23.67
C ASP A 205 -1.14 0.40 -23.46
N VAL A 206 -2.36 0.86 -23.55
CA VAL A 206 -3.52 -0.03 -23.58
C VAL A 206 -4.24 0.33 -24.87
N GLY A 207 -3.88 -0.36 -25.95
CA GLY A 207 -4.51 -0.11 -27.22
C GLY A 207 -4.65 -1.36 -28.07
N GLY A 208 -4.23 -2.51 -27.54
CA GLY A 208 -4.18 -3.68 -28.38
C GLY A 208 -4.78 -4.94 -27.78
N GLN A 209 -5.38 -4.84 -26.61
CA GLN A 209 -5.96 -6.02 -25.98
C GLN A 209 -7.33 -5.68 -25.40
N ARG A 210 -8.19 -5.13 -26.25
CA ARG A 210 -9.52 -4.72 -25.83
C ARG A 210 -10.35 -5.91 -25.34
N SER A 211 -10.95 -5.73 -24.16
CA SER A 211 -11.69 -6.77 -23.45
C SER A 211 -12.60 -6.06 -22.45
N GLU A 212 -13.10 -6.81 -21.47
CA GLU A 212 -13.90 -6.22 -20.40
C GLU A 212 -13.01 -5.33 -19.56
N ARG A 213 -13.34 -4.02 -19.53
CA ARG A 213 -12.44 -3.02 -18.98
C ARG A 213 -12.26 -3.15 -17.48
N LYS A 214 -13.29 -3.58 -16.77
CA LYS A 214 -13.29 -3.47 -15.33
C LYS A 214 -12.56 -4.61 -14.63
N LYS A 215 -11.68 -5.35 -15.29
CA LYS A 215 -11.04 -6.47 -14.64
C LYS A 215 -9.53 -6.46 -14.62
N TRP A 216 -8.88 -5.73 -15.53
CA TRP A 216 -7.44 -5.65 -15.46
C TRP A 216 -6.92 -4.27 -15.15
N ILE A 217 -7.78 -3.24 -15.07
CA ILE A 217 -7.28 -1.90 -14.83
C ILE A 217 -6.85 -1.71 -13.38
N HIS A 218 -7.27 -2.60 -12.47
CA HIS A 218 -6.80 -2.48 -11.10
C HIS A 218 -5.33 -2.82 -10.97
N CYS A 219 -4.77 -3.53 -11.93
CA CYS A 219 -3.36 -3.85 -11.93
C CYS A 219 -2.47 -2.68 -12.34
N PHE A 220 -3.04 -1.50 -12.55
CA PHE A 220 -2.27 -0.31 -12.84
C PHE A 220 -2.38 0.76 -11.78
N GLU A 221 -3.03 0.49 -10.66
CA GLU A 221 -3.14 1.51 -9.64
C GLU A 221 -1.77 1.77 -9.02
N GLY A 222 -1.53 3.02 -8.68
CA GLY A 222 -0.24 3.39 -8.15
C GLY A 222 0.71 4.00 -9.15
N VAL A 223 0.34 4.09 -10.42
CA VAL A 223 1.15 4.88 -11.34
C VAL A 223 0.85 6.36 -11.12
N THR A 224 1.79 7.20 -11.50
CA THR A 224 1.66 8.61 -11.15
C THR A 224 0.75 9.36 -12.13
N ALA A 225 1.13 9.42 -13.39
CA ALA A 225 0.53 10.40 -14.30
C ALA A 225 -0.18 9.70 -15.45
N ILE A 226 -1.50 9.65 -15.38
CA ILE A 226 -2.31 9.06 -16.44
C ILE A 226 -2.39 10.06 -17.59
N ILE A 227 -1.56 9.85 -18.61
CA ILE A 227 -1.62 10.70 -19.80
C ILE A 227 -2.89 10.35 -20.57
N PHE A 228 -3.73 11.33 -20.80
CA PHE A 228 -4.87 11.11 -21.66
C PHE A 228 -4.52 11.53 -23.09
N CYS A 229 -5.42 11.24 -24.00
CA CYS A 229 -5.34 11.81 -25.33
C CYS A 229 -6.75 12.06 -25.84
N VAL A 230 -6.92 13.17 -26.53
CA VAL A 230 -8.18 13.45 -27.22
C VAL A 230 -7.82 14.18 -28.50
N ALA A 231 -8.67 14.03 -29.50
CA ALA A 231 -8.43 14.64 -30.80
C ALA A 231 -9.33 15.86 -30.93
N LEU A 232 -8.74 16.98 -31.34
CA LEU A 232 -9.55 18.17 -31.48
C LEU A 232 -10.31 18.21 -32.78
N SER A 233 -10.01 17.33 -33.73
CA SER A 233 -10.76 17.28 -34.98
C SER A 233 -11.94 16.34 -34.91
N ASP A 234 -12.46 16.09 -33.72
CA ASP A 234 -13.50 15.08 -33.54
C ASP A 234 -14.87 15.53 -34.02
N TYR A 235 -15.02 16.81 -34.39
CA TYR A 235 -16.33 17.31 -34.83
C TYR A 235 -16.77 16.70 -36.14
N ASP A 236 -15.82 16.32 -36.97
CA ASP A 236 -16.11 15.86 -38.31
C ASP A 236 -16.16 14.35 -38.41
N MET A 237 -15.79 13.63 -37.35
CA MET A 237 -15.84 12.17 -37.35
C MET A 237 -17.29 11.75 -37.21
N VAL A 238 -17.91 11.41 -38.34
CA VAL A 238 -19.31 11.02 -38.33
C VAL A 238 -19.48 9.65 -37.68
N LEU A 239 -18.55 8.73 -37.94
CA LEU A 239 -18.66 7.38 -37.39
C LEU A 239 -17.27 6.80 -37.21
N VAL A 240 -17.22 5.65 -36.55
CA VAL A 240 -16.03 4.80 -36.50
C VAL A 240 -16.42 3.42 -36.99
N GLU A 241 -17.38 2.80 -36.31
CA GLU A 241 -17.90 1.49 -36.67
C GLU A 241 -19.42 1.40 -36.67
N ASP A 242 -20.12 2.29 -35.97
CA ASP A 242 -21.57 2.33 -35.94
C ASP A 242 -22.06 3.23 -37.07
N ASP A 243 -23.38 3.45 -37.14
CA ASP A 243 -23.91 4.30 -38.21
C ASP A 243 -23.89 5.78 -37.85
N GLU A 244 -24.05 6.11 -36.57
CA GLU A 244 -24.13 7.50 -36.15
C GLU A 244 -23.59 7.59 -34.73
N VAL A 245 -22.31 7.94 -34.60
CA VAL A 245 -21.71 8.26 -33.31
C VAL A 245 -20.62 9.31 -33.50
N ASN A 246 -20.81 10.48 -32.89
CA ASN A 246 -19.78 11.49 -32.94
C ASN A 246 -18.62 11.09 -32.05
N ARG A 247 -17.42 11.49 -32.44
CA ARG A 247 -16.25 11.08 -31.67
C ARG A 247 -16.15 11.82 -30.36
N MET A 248 -16.73 13.02 -30.27
CA MET A 248 -16.58 13.82 -29.06
C MET A 248 -17.34 13.22 -27.90
N HIS A 249 -18.57 12.76 -28.15
CA HIS A 249 -19.32 12.15 -27.08
C HIS A 249 -18.76 10.79 -26.68
N GLU A 250 -17.97 10.17 -27.54
CA GLU A 250 -17.32 8.91 -27.16
C GLU A 250 -16.20 9.16 -26.16
N SER A 251 -15.31 10.10 -26.48
CA SER A 251 -14.17 10.37 -25.61
C SER A 251 -14.61 11.00 -24.29
N MET A 252 -15.68 11.77 -24.30
CA MET A 252 -16.25 12.23 -23.05
C MET A 252 -16.85 11.08 -22.26
N HIS A 253 -17.43 10.10 -22.95
CA HIS A 253 -17.95 8.95 -22.24
C HIS A 253 -16.84 8.02 -21.78
N LEU A 254 -15.65 8.12 -22.37
CA LEU A 254 -14.52 7.38 -21.86
C LEU A 254 -13.90 8.11 -20.67
N PHE A 255 -13.82 9.43 -20.76
CA PHE A 255 -13.12 10.21 -19.75
C PHE A 255 -13.88 10.29 -18.44
N ASN A 256 -15.21 10.16 -18.48
CA ASN A 256 -15.94 10.12 -17.23
C ASN A 256 -15.74 8.79 -16.52
N SER A 257 -15.45 7.74 -17.27
CA SER A 257 -15.30 6.41 -16.72
C SER A 257 -13.92 6.17 -16.12
N ILE A 258 -13.14 7.21 -15.86
CA ILE A 258 -11.85 7.09 -15.20
C ILE A 258 -11.79 7.95 -13.94
N CYS A 259 -12.19 9.22 -14.05
CA CYS A 259 -12.07 10.15 -12.93
C CYS A 259 -13.02 9.81 -11.80
N ASN A 260 -14.11 9.08 -12.08
CA ASN A 260 -14.97 8.59 -11.01
C ASN A 260 -14.68 7.15 -10.66
N ASN A 261 -13.88 6.45 -11.45
CA ASN A 261 -13.57 5.06 -11.19
C ASN A 261 -12.71 4.95 -9.94
N LYS A 262 -13.15 4.13 -8.99
CA LYS A 262 -12.57 4.16 -7.65
C LYS A 262 -11.17 3.56 -7.56
N TRP A 263 -10.54 3.18 -8.66
CA TRP A 263 -9.14 2.81 -8.64
C TRP A 263 -8.22 3.96 -8.99
N PHE A 264 -8.76 5.07 -9.48
CA PHE A 264 -7.97 6.22 -9.90
C PHE A 264 -8.57 7.48 -9.27
N THR A 265 -8.14 7.83 -8.07
CA THR A 265 -8.66 9.03 -7.43
C THR A 265 -7.61 9.89 -6.77
N ASP A 266 -6.39 9.41 -6.58
CA ASP A 266 -5.31 10.20 -6.02
C ASP A 266 -4.17 10.28 -7.03
N THR A 267 -4.51 10.13 -8.31
CA THR A 267 -3.54 10.18 -9.40
C THR A 267 -4.00 11.25 -10.37
N SER A 268 -3.15 12.24 -10.61
CA SER A 268 -3.54 13.35 -11.45
C SER A 268 -3.58 12.93 -12.90
N ILE A 269 -4.10 13.82 -13.75
CA ILE A 269 -4.34 13.53 -15.14
C ILE A 269 -3.71 14.62 -15.96
N ILE A 270 -2.77 14.26 -16.82
CA ILE A 270 -2.14 15.23 -17.71
C ILE A 270 -2.84 15.08 -19.05
N LEU A 271 -3.87 15.89 -19.26
CA LEU A 271 -4.64 15.81 -20.48
C LEU A 271 -3.83 16.36 -21.65
N PHE A 272 -4.18 15.90 -22.83
CA PHE A 272 -3.61 16.43 -24.05
C PHE A 272 -4.72 16.65 -25.05
N LEU A 273 -4.41 17.44 -26.07
CA LEU A 273 -5.30 17.59 -27.20
C LEU A 273 -4.45 18.03 -28.39
N ASN A 274 -4.59 17.32 -29.50
CA ASN A 274 -3.71 17.55 -30.64
C ASN A 274 -4.47 17.66 -31.95
N LYS A 275 -3.72 17.62 -33.05
CA LYS A 275 -4.22 17.85 -34.41
C LYS A 275 -4.90 19.21 -34.51
N LYS A 276 -4.19 20.24 -34.06
CA LYS A 276 -4.79 21.57 -34.00
C LYS A 276 -4.79 22.29 -35.34
N ASP A 277 -3.96 21.88 -36.30
CA ASP A 277 -4.01 22.53 -37.61
C ASP A 277 -5.28 22.15 -38.35
N LEU A 278 -5.74 20.91 -38.18
CA LEU A 278 -7.06 20.54 -38.66
C LEU A 278 -8.13 21.26 -37.88
N PHE A 279 -7.86 21.58 -36.61
CA PHE A 279 -8.79 22.44 -35.90
C PHE A 279 -8.66 23.89 -36.31
N GLU A 280 -7.56 24.27 -36.96
CA GLU A 280 -7.49 25.58 -37.55
C GLU A 280 -8.29 25.69 -38.85
N GLU A 281 -8.89 24.58 -39.31
CA GLU A 281 -9.77 24.58 -40.46
C GLU A 281 -11.21 24.87 -40.07
N LYS A 282 -11.43 25.58 -38.98
CA LYS A 282 -12.76 26.06 -38.63
C LYS A 282 -13.04 27.44 -39.22
N ILE A 283 -12.18 27.94 -40.10
CA ILE A 283 -12.44 29.23 -40.74
C ILE A 283 -13.60 29.10 -41.73
N LYS A 284 -13.58 28.04 -42.54
CA LYS A 284 -14.80 27.59 -43.19
C LYS A 284 -15.78 27.15 -42.10
N LYS A 285 -17.08 27.32 -42.38
CA LYS A 285 -18.14 27.53 -41.38
C LYS A 285 -18.19 26.45 -40.31
N SER A 286 -18.55 25.21 -40.70
CA SER A 286 -18.57 23.96 -39.94
C SER A 286 -18.96 24.16 -38.49
N PRO A 287 -20.21 24.56 -38.22
CA PRO A 287 -20.51 25.27 -36.97
C PRO A 287 -20.40 24.40 -35.74
N LEU A 288 -19.96 25.03 -34.66
CA LEU A 288 -19.67 24.33 -33.41
C LEU A 288 -20.93 23.82 -32.73
N SER A 289 -22.10 24.27 -33.17
CA SER A 289 -23.38 23.79 -32.71
C SER A 289 -23.82 22.49 -33.37
N ILE A 290 -22.92 21.76 -34.01
CA ILE A 290 -23.29 20.44 -34.53
C ILE A 290 -23.08 19.37 -33.48
N CYS A 291 -21.90 19.34 -32.88
CA CYS A 291 -21.60 18.40 -31.80
C CYS A 291 -21.84 19.00 -30.42
N PHE A 292 -22.53 20.12 -30.35
CA PHE A 292 -22.93 20.77 -29.11
C PHE A 292 -24.22 21.52 -29.35
N PRO A 293 -24.88 21.96 -28.30
CA PRO A 293 -25.84 23.05 -28.43
C PRO A 293 -25.10 24.37 -28.51
N ASP A 294 -25.85 25.43 -28.85
CA ASP A 294 -25.27 26.70 -29.25
C ASP A 294 -24.63 27.42 -28.07
N TYR A 295 -23.34 27.19 -27.87
CA TYR A 295 -22.67 27.63 -26.66
C TYR A 295 -21.50 28.56 -26.91
N ALA A 296 -20.60 28.22 -27.84
CA ALA A 296 -19.38 28.98 -28.01
C ALA A 296 -19.67 30.36 -28.60
N GLY A 297 -20.57 30.44 -29.56
CA GLY A 297 -21.00 31.71 -30.10
C GLY A 297 -19.96 32.46 -30.90
N SER A 298 -18.91 31.77 -31.35
CA SER A 298 -17.85 32.41 -32.11
C SER A 298 -17.35 31.40 -33.14
N ASN A 299 -16.37 31.84 -33.92
CA ASN A 299 -15.84 31.03 -35.01
C ASN A 299 -14.33 30.88 -34.95
N THR A 300 -13.60 31.88 -34.47
CA THR A 300 -12.15 31.83 -34.50
C THR A 300 -11.61 30.84 -33.48
N TYR A 301 -10.30 30.64 -33.56
CA TYR A 301 -9.62 29.63 -32.75
C TYR A 301 -9.54 30.03 -31.29
N GLU A 302 -9.53 31.34 -31.01
CA GLU A 302 -9.24 31.79 -29.66
C GLU A 302 -10.39 31.54 -28.70
N GLU A 303 -11.61 31.42 -29.19
CA GLU A 303 -12.74 31.18 -28.30
C GLU A 303 -13.19 29.74 -28.28
N ALA A 304 -13.07 29.02 -29.40
CA ALA A 304 -13.58 27.66 -29.47
C ALA A 304 -12.75 26.71 -28.61
N GLY A 305 -11.43 26.81 -28.72
CA GLY A 305 -10.57 25.91 -27.97
C GLY A 305 -10.63 26.13 -26.48
N ASN A 306 -10.99 27.34 -26.07
CA ASN A 306 -11.28 27.56 -24.66
C ASN A 306 -12.56 26.87 -24.24
N TYR A 307 -13.48 26.62 -25.17
CA TYR A 307 -14.72 26.00 -24.75
C TYR A 307 -14.59 24.50 -24.57
N ILE A 308 -13.73 23.85 -25.34
CA ILE A 308 -13.61 22.40 -25.23
C ILE A 308 -12.90 22.01 -23.95
N LYS A 309 -11.89 22.79 -23.56
CA LYS A 309 -11.12 22.48 -22.36
C LYS A 309 -11.96 22.63 -21.11
N VAL A 310 -12.85 23.63 -21.08
CA VAL A 310 -13.77 23.78 -19.96
C VAL A 310 -14.76 22.63 -19.94
N GLN A 311 -15.12 22.11 -21.12
CA GLN A 311 -16.06 21.01 -21.18
C GLN A 311 -15.47 19.71 -20.65
N PHE A 312 -14.14 19.54 -20.69
CA PHE A 312 -13.55 18.39 -20.02
C PHE A 312 -13.42 18.62 -18.52
N LEU A 313 -12.87 19.78 -18.14
CA LEU A 313 -12.52 20.01 -16.73
C LEU A 313 -13.75 20.19 -15.86
N GLU A 314 -14.92 20.46 -16.44
CA GLU A 314 -16.14 20.50 -15.65
C GLU A 314 -16.69 19.11 -15.38
N LEU A 315 -16.36 18.14 -16.23
CA LEU A 315 -16.79 16.78 -15.97
C LEU A 315 -15.97 16.11 -14.88
N ASN A 316 -14.86 16.72 -14.50
CA ASN A 316 -14.07 16.26 -13.36
C ASN A 316 -14.89 16.34 -12.09
N MET A 317 -14.66 15.38 -11.20
CA MET A 317 -15.35 15.41 -9.93
C MET A 317 -14.73 16.41 -8.97
N ARG A 318 -13.40 16.54 -9.02
CA ARG A 318 -12.59 17.17 -7.97
C ARG A 318 -12.97 16.59 -6.61
N ARG A 319 -12.89 15.26 -6.53
CA ARG A 319 -13.30 14.58 -5.31
C ARG A 319 -12.27 14.77 -4.20
N ASP A 320 -11.07 14.24 -4.42
CA ASP A 320 -9.93 14.50 -3.55
C ASP A 320 -8.95 15.39 -4.31
N VAL A 321 -7.77 15.61 -3.73
CA VAL A 321 -6.85 16.62 -4.26
C VAL A 321 -6.11 16.04 -5.46
N LYS A 322 -6.59 16.38 -6.64
CA LYS A 322 -5.93 16.10 -7.90
C LYS A 322 -6.29 17.21 -8.86
N GLU A 323 -5.38 17.52 -9.79
CA GLU A 323 -5.74 18.58 -10.73
C GLU A 323 -5.14 18.30 -12.10
N ILE A 324 -5.84 18.80 -13.11
CA ILE A 324 -5.68 18.38 -14.49
C ILE A 324 -4.96 19.49 -15.25
N TYR A 325 -3.83 19.15 -15.87
CA TYR A 325 -2.90 20.15 -16.37
C TYR A 325 -2.99 20.09 -17.89
N SER A 326 -3.92 20.87 -18.46
CA SER A 326 -4.19 20.75 -19.88
C SER A 326 -3.07 21.37 -20.71
N HIS A 327 -3.20 21.26 -22.02
CA HIS A 327 -2.22 21.79 -22.96
C HIS A 327 -2.86 21.89 -24.33
N MET A 328 -2.03 22.10 -25.35
CA MET A 328 -2.46 22.23 -26.73
C MET A 328 -1.24 21.98 -27.61
N THR A 329 -1.41 21.22 -28.68
CA THR A 329 -0.28 20.86 -29.52
C THR A 329 -0.75 20.50 -30.91
N CYS A 330 0.21 20.10 -31.75
CA CYS A 330 -0.01 19.75 -33.14
C CYS A 330 0.97 18.64 -33.50
N ALA A 331 1.18 18.44 -34.80
CA ALA A 331 2.09 17.41 -35.26
C ALA A 331 3.52 17.90 -35.36
N THR A 332 3.75 19.02 -36.03
CA THR A 332 5.09 19.50 -36.32
C THR A 332 5.64 20.40 -35.22
N ASP A 333 5.15 20.27 -34.00
CA ASP A 333 5.70 21.00 -32.88
C ASP A 333 6.92 20.25 -32.35
N THR A 334 7.46 20.71 -31.22
CA THR A 334 8.51 20.01 -30.53
C THR A 334 8.43 20.36 -29.05
N GLN A 335 9.39 19.82 -28.30
CA GLN A 335 9.69 20.13 -26.88
C GLN A 335 8.46 20.14 -25.97
N ASN A 336 7.45 19.34 -26.27
CA ASN A 336 6.37 19.18 -25.31
C ASN A 336 6.72 18.16 -24.24
N VAL A 337 7.82 17.44 -24.40
CA VAL A 337 8.35 16.65 -23.31
C VAL A 337 8.85 17.53 -22.18
N LYS A 338 9.23 18.77 -22.49
CA LYS A 338 9.47 19.76 -21.44
C LYS A 338 8.20 20.04 -20.66
N PHE A 339 7.04 20.00 -21.32
CA PHE A 339 5.81 20.23 -20.60
C PHE A 339 5.45 19.05 -19.70
N VAL A 340 5.66 17.83 -20.19
CA VAL A 340 5.30 16.69 -19.35
C VAL A 340 6.35 16.46 -18.28
N PHE A 341 7.56 17.00 -18.43
CA PHE A 341 8.50 16.94 -17.33
C PHE A 341 8.15 17.99 -16.27
N ASP A 342 7.82 19.20 -16.70
CA ASP A 342 7.40 20.22 -15.75
C ASP A 342 6.09 19.88 -15.08
N ALA A 343 5.27 19.06 -15.70
CA ALA A 343 4.09 18.57 -15.01
C ALA A 343 4.47 17.53 -13.97
N VAL A 344 5.29 16.55 -14.35
CA VAL A 344 5.53 15.42 -13.45
C VAL A 344 6.44 15.83 -12.31
N THR A 345 7.16 16.93 -12.42
CA THR A 345 7.85 17.41 -11.24
C THR A 345 6.91 18.11 -10.27
N ASP A 346 5.68 18.35 -10.66
CA ASP A 346 4.66 18.87 -9.77
C ASP A 346 3.73 17.79 -9.23
N ILE A 347 4.03 16.51 -9.43
CA ILE A 347 3.36 15.49 -8.65
C ILE A 347 4.47 14.74 -7.93
N ILE A 348 5.54 15.46 -7.63
CA ILE A 348 6.61 14.99 -6.75
C ILE A 348 6.82 15.95 -5.59
N ILE A 349 7.01 17.24 -5.89
CA ILE A 349 7.09 18.26 -4.86
C ILE A 349 5.75 18.42 -4.17
N LYS A 350 4.67 18.34 -4.92
CA LYS A 350 3.34 18.33 -4.32
C LYS A 350 3.03 17.03 -3.61
N GLU A 351 3.73 15.94 -3.93
CA GLU A 351 3.36 14.68 -3.32
C GLU A 351 4.22 14.32 -2.11
N ASN A 352 5.52 14.61 -2.16
CA ASN A 352 6.41 14.20 -1.08
C ASN A 352 6.09 14.91 0.22
N LEU A 353 5.54 16.12 0.14
CA LEU A 353 5.14 16.85 1.34
C LEU A 353 3.98 16.19 2.05
N LYS A 354 3.16 15.42 1.34
CA LYS A 354 2.10 14.68 2.00
C LYS A 354 2.66 13.59 2.88
N ASP A 355 3.78 13.00 2.47
CA ASP A 355 4.40 11.93 3.26
C ASP A 355 5.09 12.48 4.50
N CYS A 356 5.78 13.62 4.37
CA CYS A 356 6.32 14.29 5.54
C CYS A 356 5.24 14.93 6.39
N GLY A 357 4.02 15.08 5.85
CA GLY A 357 2.94 15.68 6.58
C GLY A 357 2.95 17.17 6.63
N LEU A 358 3.86 17.81 5.88
CA LEU A 358 4.02 19.25 5.97
C LEU A 358 2.85 19.95 5.29
N PHE A 359 2.57 19.58 4.06
CA PHE A 359 1.43 20.13 3.33
C PHE A 359 0.16 19.43 3.75
N SER B 2 -33.39 -11.44 -39.31
CA SER B 2 -34.65 -11.52 -40.02
C SER B 2 -35.45 -12.73 -39.59
N GLU B 3 -34.77 -13.85 -39.38
CA GLU B 3 -35.39 -15.11 -39.00
C GLU B 3 -34.89 -15.68 -37.68
N LEU B 4 -33.76 -15.18 -37.17
CA LEU B 4 -33.16 -15.74 -35.96
C LEU B 4 -33.92 -15.35 -34.71
N ASP B 5 -34.82 -14.37 -34.79
CA ASP B 5 -35.71 -14.10 -33.67
C ASP B 5 -36.64 -15.29 -33.44
N GLN B 6 -37.06 -15.96 -34.52
CA GLN B 6 -37.78 -17.21 -34.38
C GLN B 6 -36.91 -18.31 -33.78
N LEU B 7 -35.59 -18.26 -34.04
CA LEU B 7 -34.69 -19.20 -33.39
C LEU B 7 -34.58 -18.94 -31.90
N ARG B 8 -34.58 -17.67 -31.49
CA ARG B 8 -34.61 -17.32 -30.08
C ARG B 8 -35.90 -17.78 -29.42
N GLN B 9 -37.03 -17.59 -30.11
CA GLN B 9 -38.32 -18.01 -29.57
C GLN B 9 -38.43 -19.52 -29.47
N GLU B 10 -37.80 -20.25 -30.40
CA GLU B 10 -37.73 -21.70 -30.27
C GLU B 10 -36.84 -22.10 -29.11
N ALA B 11 -35.76 -21.34 -28.88
CA ALA B 11 -34.83 -21.68 -27.81
C ALA B 11 -35.41 -21.45 -26.43
N GLU B 12 -36.29 -20.44 -26.28
CA GLU B 12 -36.76 -20.05 -24.96
C GLU B 12 -37.63 -21.12 -24.31
N GLN B 13 -38.52 -21.74 -25.09
CA GLN B 13 -39.41 -22.75 -24.54
C GLN B 13 -38.66 -24.03 -24.18
N LEU B 14 -37.65 -24.41 -24.98
CA LEU B 14 -36.87 -25.57 -24.60
C LEU B 14 -35.93 -25.28 -23.44
N LYS B 15 -35.52 -24.02 -23.29
CA LYS B 15 -34.79 -23.63 -22.09
C LYS B 15 -35.66 -23.78 -20.85
N ASN B 16 -36.92 -23.35 -20.94
CA ASN B 16 -37.87 -23.57 -19.85
C ASN B 16 -38.15 -25.06 -19.66
N GLN B 17 -38.11 -25.83 -20.75
CA GLN B 17 -38.33 -27.28 -20.68
C GLN B 17 -37.22 -27.96 -19.90
N ILE B 18 -35.96 -27.60 -20.15
CA ILE B 18 -34.88 -28.18 -19.36
C ILE B 18 -34.85 -27.58 -17.96
N ARG B 19 -35.43 -26.40 -17.76
CA ARG B 19 -35.56 -25.86 -16.41
C ARG B 19 -36.53 -26.69 -15.59
N ASP B 20 -37.68 -27.02 -16.16
CA ASP B 20 -38.59 -27.90 -15.43
C ASP B 20 -38.09 -29.35 -15.42
N ALA B 21 -37.19 -29.71 -16.34
CA ALA B 21 -36.60 -31.03 -16.30
C ALA B 21 -35.59 -31.17 -15.16
N ARG B 22 -34.90 -30.08 -14.81
CA ARG B 22 -34.11 -30.15 -13.58
C ARG B 22 -34.95 -29.84 -12.35
N LYS B 23 -36.15 -29.29 -12.52
CA LYS B 23 -37.13 -29.24 -11.46
C LYS B 23 -38.03 -30.47 -11.44
N ALA B 24 -37.69 -31.51 -12.19
CA ALA B 24 -38.41 -32.77 -12.09
C ALA B 24 -38.10 -33.46 -10.77
N CYS B 25 -36.82 -33.57 -10.43
CA CYS B 25 -36.43 -34.06 -9.12
C CYS B 25 -36.73 -33.03 -8.05
N ALA B 26 -36.05 -31.88 -8.14
CA ALA B 26 -36.35 -30.66 -7.38
C ALA B 26 -36.29 -30.85 -5.88
N ASP B 27 -35.43 -31.75 -5.41
CA ASP B 27 -35.17 -31.80 -3.98
C ASP B 27 -34.37 -30.58 -3.56
N ALA B 28 -34.38 -30.31 -2.26
CA ALA B 28 -33.76 -29.11 -1.74
C ALA B 28 -32.26 -29.30 -1.64
N THR B 29 -31.60 -28.39 -0.94
CA THR B 29 -30.19 -28.57 -0.63
C THR B 29 -30.01 -29.64 0.44
N LEU B 30 -28.75 -29.97 0.69
CA LEU B 30 -28.44 -31.10 1.56
C LEU B 30 -28.67 -30.78 3.03
N SER B 31 -28.74 -29.50 3.39
CA SER B 31 -29.03 -29.18 4.78
C SER B 31 -30.49 -29.42 5.12
N GLN B 32 -31.36 -29.50 4.12
CA GLN B 32 -32.76 -29.83 4.39
C GLN B 32 -32.92 -31.29 4.73
N ILE B 33 -32.12 -32.17 4.15
CA ILE B 33 -32.23 -33.59 4.46
C ILE B 33 -31.34 -33.98 5.63
N THR B 34 -30.14 -33.42 5.73
CA THR B 34 -29.18 -33.87 6.74
C THR B 34 -29.43 -33.14 8.05
N ASN B 35 -30.36 -33.68 8.82
CA ASN B 35 -30.56 -33.25 10.20
C ASN B 35 -29.86 -34.15 11.18
N ASN B 36 -29.40 -35.32 10.74
CA ASN B 36 -28.81 -36.28 11.65
C ASN B 36 -27.40 -35.91 12.04
N ILE B 37 -26.67 -35.20 11.19
CA ILE B 37 -25.26 -34.98 11.44
C ILE B 37 -25.08 -33.86 12.46
N ASP B 38 -23.94 -33.86 13.10
CA ASP B 38 -23.37 -32.96 14.08
C ASP B 38 -22.56 -31.88 13.38
N PRO B 39 -22.41 -30.71 13.96
CA PRO B 39 -21.53 -29.70 13.37
C PRO B 39 -20.07 -30.07 13.57
N VAL B 40 -19.22 -29.42 12.77
CA VAL B 40 -17.78 -29.70 12.84
C VAL B 40 -17.14 -29.05 14.05
N GLY B 41 -17.83 -28.13 14.72
CA GLY B 41 -17.24 -27.48 15.87
C GLY B 41 -16.23 -26.42 15.49
N ARG B 42 -15.77 -25.66 16.48
CA ARG B 42 -14.84 -24.58 16.20
C ARG B 42 -13.48 -25.11 15.84
N ILE B 43 -12.83 -24.45 14.87
CA ILE B 43 -11.52 -24.84 14.38
C ILE B 43 -10.67 -23.58 14.24
N GLN B 44 -9.45 -23.63 14.76
CA GLN B 44 -8.62 -22.44 14.89
C GLN B 44 -7.21 -22.75 14.40
N MET B 45 -6.66 -21.84 13.61
CA MET B 45 -5.31 -21.97 13.09
C MET B 45 -4.49 -20.76 13.49
N ARG B 46 -3.20 -20.97 13.66
CA ARG B 46 -2.26 -19.90 13.96
C ARG B 46 -1.10 -19.97 12.98
N THR B 47 -0.45 -18.84 12.79
CA THR B 47 0.60 -18.73 11.79
C THR B 47 1.84 -19.48 12.26
N ARG B 48 2.26 -20.47 11.48
CA ARG B 48 3.49 -21.16 11.81
C ARG B 48 4.71 -20.45 11.24
N ARG B 49 4.70 -20.17 9.94
CA ARG B 49 5.80 -19.46 9.29
C ARG B 49 5.24 -18.37 8.44
N THR B 50 5.94 -17.24 8.37
CA THR B 50 5.58 -16.12 7.52
C THR B 50 6.70 -15.88 6.52
N LEU B 51 6.39 -16.03 5.25
CA LEU B 51 7.39 -15.81 4.22
C LEU B 51 7.71 -14.32 4.08
N ARG B 52 8.71 -14.04 3.26
CA ARG B 52 9.23 -12.70 3.12
C ARG B 52 10.10 -12.67 1.88
N GLY B 53 10.25 -11.50 1.29
CA GLY B 53 11.23 -11.34 0.24
C GLY B 53 10.76 -10.49 -0.91
N HIS B 54 9.44 -10.36 -1.05
CA HIS B 54 8.90 -9.66 -2.18
C HIS B 54 8.84 -8.16 -1.92
N LEU B 55 8.40 -7.43 -2.94
CA LEU B 55 8.21 -5.99 -2.78
C LEU B 55 6.84 -5.54 -3.27
N ALA B 56 6.33 -6.20 -4.29
CA ALA B 56 5.12 -5.74 -4.95
C ALA B 56 3.90 -6.46 -4.38
N LYS B 57 2.77 -6.35 -5.04
CA LYS B 57 1.66 -7.25 -4.79
C LYS B 57 1.95 -8.59 -5.45
N ILE B 58 1.26 -9.63 -4.99
CA ILE B 58 1.39 -10.97 -5.55
C ILE B 58 0.02 -11.38 -6.04
N TYR B 59 -0.06 -12.30 -6.99
CA TYR B 59 -1.37 -12.66 -7.51
C TYR B 59 -1.73 -14.10 -7.20
N ALA B 60 -0.92 -15.06 -7.61
CA ALA B 60 -1.35 -16.44 -7.48
C ALA B 60 -0.23 -17.30 -6.98
N MET B 61 -0.59 -18.53 -6.62
CA MET B 61 0.37 -19.53 -6.19
C MET B 61 -0.20 -20.90 -6.49
N HIS B 62 0.58 -21.93 -6.24
CA HIS B 62 0.18 -23.30 -6.50
C HIS B 62 1.13 -24.23 -5.76
N TRP B 63 0.57 -25.14 -4.99
CA TRP B 63 1.38 -26.08 -4.25
C TRP B 63 1.95 -27.09 -5.21
N GLY B 64 3.12 -27.57 -4.92
CA GLY B 64 3.65 -28.67 -5.70
C GLY B 64 3.12 -30.00 -5.22
N THR B 65 3.37 -31.02 -6.03
CA THR B 65 3.07 -32.37 -5.58
C THR B 65 4.12 -32.92 -4.63
N ASP B 66 5.21 -32.20 -4.41
CA ASP B 66 6.15 -32.58 -3.37
C ASP B 66 5.58 -32.31 -1.99
N SER B 67 4.55 -31.48 -1.90
CA SER B 67 4.07 -30.84 -0.67
C SER B 67 5.20 -30.13 0.07
N ARG B 68 6.15 -29.58 -0.68
CA ARG B 68 7.26 -28.86 -0.09
C ARG B 68 7.63 -27.57 -0.78
N LEU B 69 7.18 -27.32 -2.01
CA LEU B 69 7.65 -26.18 -2.76
C LEU B 69 6.48 -25.27 -3.14
N LEU B 70 6.65 -23.97 -2.90
CA LEU B 70 5.68 -22.95 -3.28
C LEU B 70 6.30 -22.08 -4.35
N LEU B 71 5.51 -21.70 -5.34
CA LEU B 71 5.92 -20.69 -6.28
C LEU B 71 4.98 -19.50 -6.15
N SER B 72 5.43 -18.33 -6.59
CA SER B 72 4.63 -17.12 -6.50
C SER B 72 5.09 -16.14 -7.56
N ALA B 73 4.22 -15.18 -7.87
CA ALA B 73 4.41 -14.27 -8.99
C ALA B 73 4.19 -12.83 -8.57
N SER B 74 5.27 -12.08 -8.42
CA SER B 74 5.14 -10.69 -8.00
C SER B 74 4.92 -9.79 -9.19
N GLN B 75 4.50 -8.56 -8.92
CA GLN B 75 4.00 -7.72 -9.99
C GLN B 75 5.12 -7.13 -10.81
N ASP B 76 6.31 -7.02 -10.22
CA ASP B 76 7.40 -6.40 -10.97
C ASP B 76 7.90 -7.29 -12.08
N GLY B 77 7.88 -8.59 -11.88
CA GLY B 77 8.41 -9.51 -12.86
C GLY B 77 9.13 -10.68 -12.23
N LYS B 78 9.22 -10.68 -10.91
CA LYS B 78 9.88 -11.78 -10.24
C LYS B 78 8.93 -12.96 -10.14
N LEU B 79 9.43 -14.13 -10.51
CA LEU B 79 8.75 -15.40 -10.27
C LEU B 79 9.62 -16.13 -9.27
N ILE B 80 9.12 -16.31 -8.06
CA ILE B 80 9.92 -16.91 -7.02
C ILE B 80 9.47 -18.35 -6.84
N ILE B 81 10.41 -19.23 -6.48
CA ILE B 81 10.15 -20.64 -6.22
C ILE B 81 10.99 -21.03 -5.01
N TRP B 82 10.33 -21.31 -3.90
CA TRP B 82 11.04 -21.63 -2.68
C TRP B 82 10.47 -22.85 -1.99
N ASP B 83 11.12 -23.18 -0.89
CA ASP B 83 10.73 -24.27 0.00
C ASP B 83 9.83 -23.71 1.09
N SER B 84 9.20 -24.62 1.82
CA SER B 84 8.44 -24.24 3.00
C SER B 84 8.90 -25.00 4.23
N TYR B 85 10.17 -25.39 4.28
CA TYR B 85 10.74 -26.06 5.45
C TYR B 85 11.78 -25.17 6.12
N THR B 86 12.79 -24.78 5.38
CA THR B 86 13.86 -23.93 5.87
C THR B 86 13.59 -22.45 5.61
N THR B 87 12.50 -22.14 4.90
CA THR B 87 12.01 -20.78 4.64
C THR B 87 13.05 -19.94 3.89
N ASN B 88 13.71 -20.55 2.92
CA ASN B 88 14.76 -19.87 2.16
C ASN B 88 14.57 -20.12 0.69
N LYS B 89 14.91 -19.11 -0.11
CA LYS B 89 14.56 -19.09 -1.51
C LYS B 89 15.43 -20.07 -2.28
N VAL B 90 14.84 -20.79 -3.23
CA VAL B 90 15.61 -21.79 -3.95
C VAL B 90 15.92 -21.31 -5.36
N HIS B 91 14.99 -20.61 -6.00
CA HIS B 91 15.30 -19.99 -7.28
C HIS B 91 14.67 -18.60 -7.32
N ALA B 92 15.09 -17.81 -8.30
CA ALA B 92 14.57 -16.46 -8.48
C ALA B 92 14.64 -16.13 -9.95
N ILE B 93 13.47 -15.96 -10.58
CA ILE B 93 13.44 -15.91 -12.03
C ILE B 93 13.02 -14.52 -12.47
N PRO B 94 13.73 -13.90 -13.38
CA PRO B 94 13.23 -12.67 -13.99
C PRO B 94 12.27 -13.00 -15.10
N LEU B 95 11.58 -11.98 -15.62
CA LEU B 95 10.64 -12.15 -16.72
C LEU B 95 11.05 -11.33 -17.91
N ARG B 96 10.90 -11.91 -19.10
CA ARG B 96 11.03 -11.15 -20.33
C ARG B 96 9.90 -10.15 -20.46
N SER B 97 8.73 -10.49 -19.93
CA SER B 97 7.64 -9.55 -19.76
C SER B 97 7.82 -8.82 -18.44
N SER B 98 6.78 -8.15 -17.97
CA SER B 98 6.82 -7.55 -16.65
C SER B 98 5.55 -7.75 -15.86
N TRP B 99 4.57 -8.47 -16.38
CA TRP B 99 3.34 -8.70 -15.64
C TRP B 99 3.11 -10.17 -15.44
N VAL B 100 2.29 -10.49 -14.46
CA VAL B 100 1.83 -11.84 -14.21
C VAL B 100 0.35 -11.76 -13.88
N MET B 101 -0.38 -12.82 -14.18
CA MET B 101 -1.70 -12.99 -13.64
C MET B 101 -1.98 -14.43 -13.23
N THR B 102 -1.05 -15.34 -13.44
CA THR B 102 -1.28 -16.74 -13.11
C THR B 102 0.02 -17.52 -13.02
N CYS B 103 -0.06 -18.68 -12.38
CA CYS B 103 1.08 -19.57 -12.28
C CYS B 103 0.62 -21.01 -12.31
N ALA B 104 1.58 -21.91 -12.44
CA ALA B 104 1.29 -23.33 -12.59
C ALA B 104 2.56 -24.12 -12.32
N TYR B 105 2.42 -25.22 -11.61
CA TYR B 105 3.54 -26.10 -11.32
C TYR B 105 3.40 -27.38 -12.12
N ALA B 106 4.26 -28.35 -11.83
CA ALA B 106 4.24 -29.54 -12.65
C ALA B 106 3.90 -30.76 -11.83
N PRO B 107 3.07 -31.66 -12.34
CA PRO B 107 2.80 -32.90 -11.61
C PRO B 107 3.99 -33.82 -11.59
N SER B 108 4.88 -33.71 -12.57
CA SER B 108 6.16 -34.39 -12.48
C SER B 108 7.12 -33.67 -11.57
N GLY B 109 6.80 -32.44 -11.16
CA GLY B 109 7.68 -31.70 -10.28
C GLY B 109 8.94 -31.23 -10.95
N ASN B 110 8.86 -30.87 -12.23
CA ASN B 110 10.05 -30.50 -12.96
C ASN B 110 10.11 -29.02 -13.29
N TYR B 111 9.14 -28.48 -14.03
CA TYR B 111 9.34 -27.13 -14.53
C TYR B 111 8.02 -26.40 -14.73
N VAL B 112 8.10 -25.06 -14.75
CA VAL B 112 6.97 -24.20 -14.42
C VAL B 112 6.54 -23.40 -15.63
N ALA B 113 5.44 -22.67 -15.47
CA ALA B 113 4.86 -21.93 -16.58
C ALA B 113 4.17 -20.69 -16.04
N CYS B 114 4.38 -19.56 -16.71
CA CYS B 114 3.72 -18.32 -16.33
C CYS B 114 3.27 -17.60 -17.58
N GLY B 115 2.79 -16.38 -17.40
CA GLY B 115 2.41 -15.55 -18.50
C GLY B 115 1.27 -14.66 -18.11
N GLY B 116 1.36 -13.39 -18.45
CA GLY B 116 0.47 -12.43 -17.87
C GLY B 116 -0.39 -11.65 -18.85
N LEU B 117 -0.25 -10.34 -18.84
CA LEU B 117 -1.08 -9.50 -19.67
C LEU B 117 -0.66 -9.58 -21.12
N ASP B 118 0.63 -9.68 -21.38
CA ASP B 118 1.08 -9.89 -22.75
C ASP B 118 0.78 -11.32 -23.16
N ASN B 119 0.28 -11.47 -24.37
CA ASN B 119 -0.54 -12.64 -24.68
C ASN B 119 0.39 -13.80 -25.06
N ILE B 120 0.98 -14.39 -24.03
CA ILE B 120 2.09 -15.32 -24.16
C ILE B 120 2.01 -16.30 -23.01
N CYS B 121 2.16 -17.58 -23.29
CA CYS B 121 2.45 -18.56 -22.25
C CYS B 121 3.92 -18.92 -22.32
N SER B 122 4.68 -18.59 -21.29
CA SER B 122 6.10 -18.88 -21.27
C SER B 122 6.37 -20.02 -20.31
N ILE B 123 6.92 -21.12 -20.82
CA ILE B 123 7.26 -22.27 -20.00
C ILE B 123 8.76 -22.23 -19.73
N TYR B 124 9.12 -22.25 -18.45
CA TYR B 124 10.49 -22.15 -17.98
C TYR B 124 10.93 -23.52 -17.50
N ASN B 125 11.98 -24.05 -18.13
CA ASN B 125 12.64 -25.27 -17.70
C ASN B 125 13.38 -24.98 -16.39
N LEU B 126 13.24 -25.88 -15.43
CA LEU B 126 14.10 -25.88 -14.27
C LEU B 126 14.55 -27.32 -14.04
N LYS B 127 15.57 -27.75 -14.79
CA LYS B 127 16.13 -29.05 -14.46
C LYS B 127 17.66 -29.12 -14.48
N THR B 128 18.31 -28.50 -15.47
CA THR B 128 19.73 -28.73 -15.68
C THR B 128 20.56 -27.46 -15.65
N ARG B 129 19.94 -26.29 -15.53
CA ARG B 129 20.64 -25.02 -15.56
C ARG B 129 20.97 -24.56 -14.14
N GLU B 130 22.19 -24.10 -13.95
CA GLU B 130 22.61 -23.49 -12.70
C GLU B 130 22.11 -22.05 -12.63
N GLY B 131 21.44 -21.72 -11.53
CA GLY B 131 21.06 -20.34 -11.26
C GLY B 131 19.84 -19.89 -12.04
N ASN B 132 19.96 -18.75 -12.71
CA ASN B 132 18.92 -18.21 -13.58
C ASN B 132 18.70 -19.17 -14.73
N VAL B 133 17.46 -19.62 -14.90
CA VAL B 133 17.19 -20.72 -15.79
C VAL B 133 16.74 -20.19 -17.15
N ARG B 134 16.93 -21.03 -18.17
CA ARG B 134 16.61 -20.65 -19.52
C ARG B 134 15.12 -20.78 -19.78
N VAL B 135 14.57 -19.80 -20.49
CA VAL B 135 13.22 -19.87 -21.02
C VAL B 135 13.16 -21.06 -21.97
N SER B 136 12.39 -22.07 -21.61
CA SER B 136 12.34 -23.27 -22.45
C SER B 136 11.55 -23.01 -23.72
N ARG B 137 10.29 -22.62 -23.58
CA ARG B 137 9.50 -22.37 -24.78
C ARG B 137 8.57 -21.19 -24.57
N GLU B 138 8.21 -20.55 -25.67
CA GLU B 138 7.26 -19.44 -25.65
C GLU B 138 6.16 -19.75 -26.65
N LEU B 139 4.91 -19.66 -26.19
CA LEU B 139 3.77 -20.14 -26.94
C LEU B 139 2.81 -18.98 -27.12
N ALA B 140 2.69 -18.51 -28.36
CA ALA B 140 1.76 -17.45 -28.71
C ALA B 140 0.46 -18.09 -29.17
N GLY B 141 -0.40 -17.30 -29.81
CA GLY B 141 -1.64 -17.84 -30.34
C GLY B 141 -2.86 -17.20 -29.73
N HIS B 142 -2.75 -15.93 -29.40
CA HIS B 142 -3.85 -15.26 -28.72
C HIS B 142 -3.85 -13.78 -29.07
N THR B 143 -4.97 -13.14 -28.78
CA THR B 143 -5.08 -11.69 -28.86
C THR B 143 -5.75 -11.13 -27.61
N GLY B 144 -5.59 -11.82 -26.48
CA GLY B 144 -6.19 -11.39 -25.24
C GLY B 144 -5.41 -11.92 -24.06
N TYR B 145 -5.62 -11.31 -22.91
CA TYR B 145 -4.84 -11.63 -21.72
C TYR B 145 -5.14 -13.02 -21.21
N LEU B 146 -4.11 -13.72 -20.75
CA LEU B 146 -4.27 -15.05 -20.18
C LEU B 146 -4.99 -14.99 -18.85
N SER B 147 -5.49 -16.11 -18.40
CA SER B 147 -6.07 -16.01 -17.07
C SER B 147 -5.61 -17.09 -16.12
N CYS B 148 -5.44 -18.31 -16.59
CA CYS B 148 -4.96 -19.37 -15.74
C CYS B 148 -4.36 -20.46 -16.60
N CYS B 149 -3.29 -21.05 -16.12
CA CYS B 149 -2.69 -22.19 -16.78
C CYS B 149 -2.65 -23.34 -15.80
N ARG B 150 -2.83 -24.55 -16.32
CA ARG B 150 -2.73 -25.73 -15.48
C ARG B 150 -2.01 -26.80 -16.27
N PHE B 151 -1.05 -27.45 -15.63
CA PHE B 151 -0.40 -28.58 -16.22
C PHE B 151 -1.26 -29.81 -16.05
N LEU B 152 -1.36 -30.62 -17.11
CA LEU B 152 -2.05 -31.89 -17.00
C LEU B 152 -1.14 -33.09 -17.17
N ASP B 153 0.02 -32.90 -17.78
CA ASP B 153 1.09 -33.89 -17.81
C ASP B 153 2.38 -33.09 -17.81
N ASP B 154 3.47 -33.72 -18.21
CA ASP B 154 4.65 -32.96 -18.51
C ASP B 154 4.70 -32.56 -19.97
N ASN B 155 3.60 -32.74 -20.70
CA ASN B 155 3.62 -32.60 -22.15
C ASN B 155 2.67 -31.55 -22.66
N GLN B 156 1.41 -31.55 -22.23
CA GLN B 156 0.40 -30.65 -22.75
C GLN B 156 -0.08 -29.71 -21.66
N ILE B 157 -0.36 -28.47 -22.05
CA ILE B 157 -0.92 -27.47 -21.14
C ILE B 157 -2.30 -27.08 -21.63
N VAL B 158 -3.06 -26.43 -20.76
CA VAL B 158 -4.39 -25.95 -21.10
C VAL B 158 -4.50 -24.53 -20.60
N THR B 159 -5.03 -23.64 -21.43
CA THR B 159 -5.02 -22.22 -21.11
C THR B 159 -6.37 -21.60 -21.42
N SER B 160 -6.62 -20.45 -20.81
CA SER B 160 -7.94 -19.83 -20.89
C SER B 160 -7.75 -18.32 -20.91
N SER B 161 -8.05 -17.70 -22.04
CA SER B 161 -7.56 -16.38 -22.34
C SER B 161 -8.68 -15.35 -22.36
N GLY B 162 -8.30 -14.13 -22.64
CA GLY B 162 -9.23 -13.03 -22.72
C GLY B 162 -10.00 -12.95 -24.00
N ASP B 163 -9.77 -13.87 -24.92
CA ASP B 163 -10.45 -13.87 -26.19
C ASP B 163 -11.69 -14.75 -26.20
N THR B 164 -12.27 -14.98 -25.02
CA THR B 164 -13.50 -15.76 -24.82
C THR B 164 -13.35 -17.17 -25.38
N THR B 165 -12.17 -17.74 -25.26
CA THR B 165 -11.91 -19.08 -25.75
C THR B 165 -11.44 -19.97 -24.61
N CYS B 166 -10.94 -21.13 -24.99
CA CYS B 166 -10.12 -21.99 -24.15
C CYS B 166 -9.34 -22.86 -25.12
N ALA B 167 -8.12 -23.24 -24.75
CA ALA B 167 -7.29 -23.92 -25.73
C ALA B 167 -6.40 -24.96 -25.08
N LEU B 168 -6.27 -26.10 -25.74
CA LEU B 168 -5.42 -27.19 -25.28
C LEU B 168 -4.23 -27.30 -26.21
N TRP B 169 -3.04 -27.11 -25.65
CA TRP B 169 -1.80 -26.95 -26.41
C TRP B 169 -0.81 -28.04 -26.05
N ASP B 170 0.08 -28.35 -27.00
CA ASP B 170 1.23 -29.20 -26.76
C ASP B 170 2.48 -28.36 -26.96
N ILE B 171 3.51 -28.61 -26.15
CA ILE B 171 4.56 -27.62 -25.96
C ILE B 171 5.84 -27.90 -26.74
N GLU B 172 6.04 -29.11 -27.23
CA GLU B 172 7.20 -29.42 -28.05
C GLU B 172 6.89 -29.32 -29.53
N THR B 173 5.69 -28.89 -29.87
CA THR B 173 5.32 -28.56 -31.24
C THR B 173 4.98 -27.09 -31.43
N GLY B 174 4.52 -26.41 -30.39
CA GLY B 174 4.33 -24.98 -30.48
C GLY B 174 3.08 -24.55 -31.21
N GLN B 175 2.00 -25.31 -31.11
CA GLN B 175 0.74 -24.90 -31.70
C GLN B 175 -0.42 -25.45 -30.87
N GLN B 176 -1.62 -25.02 -31.22
CA GLN B 176 -2.80 -25.56 -30.58
C GLN B 176 -3.07 -26.95 -31.09
N THR B 177 -3.31 -27.88 -30.17
CA THR B 177 -3.93 -29.12 -30.58
C THR B 177 -5.42 -28.93 -30.79
N THR B 178 -6.10 -28.28 -29.85
CA THR B 178 -7.53 -28.06 -30.07
C THR B 178 -8.01 -26.82 -29.33
N THR B 179 -9.22 -26.40 -29.70
CA THR B 179 -9.91 -25.25 -29.14
C THR B 179 -11.15 -25.71 -28.37
N PHE B 180 -11.75 -24.78 -27.63
CA PHE B 180 -12.93 -25.06 -26.83
C PHE B 180 -13.92 -23.90 -26.87
N THR B 181 -14.19 -23.37 -28.06
CA THR B 181 -14.89 -22.10 -28.19
C THR B 181 -16.37 -22.22 -27.85
N GLY B 182 -17.11 -21.13 -28.05
CA GLY B 182 -18.53 -21.12 -27.78
C GLY B 182 -18.86 -20.61 -26.39
N HIS B 183 -18.38 -19.41 -26.06
CA HIS B 183 -18.51 -18.88 -24.71
C HIS B 183 -18.73 -17.39 -24.79
N THR B 184 -19.81 -16.89 -24.18
CA THR B 184 -20.25 -15.53 -24.44
C THR B 184 -19.35 -14.51 -23.77
N GLY B 185 -19.31 -14.51 -22.45
CA GLY B 185 -18.44 -13.62 -21.72
C GLY B 185 -16.99 -14.06 -21.79
N ASP B 186 -16.15 -13.35 -21.05
CA ASP B 186 -14.75 -13.72 -20.98
C ASP B 186 -14.52 -14.69 -19.83
N VAL B 187 -13.62 -15.64 -20.04
CA VAL B 187 -13.40 -16.69 -19.04
C VAL B 187 -12.62 -16.13 -17.87
N MET B 188 -12.59 -16.85 -16.80
CA MET B 188 -11.78 -16.29 -15.72
C MET B 188 -10.86 -17.28 -15.07
N SER B 189 -11.29 -18.52 -14.89
CA SER B 189 -10.42 -19.53 -14.30
C SER B 189 -10.90 -20.89 -14.76
N LEU B 190 -10.15 -21.91 -14.36
CA LEU B 190 -10.45 -23.29 -14.72
C LEU B 190 -9.62 -24.15 -13.81
N SER B 191 -9.96 -25.44 -13.75
CA SER B 191 -9.16 -26.36 -12.98
C SER B 191 -9.28 -27.77 -13.53
N LEU B 192 -8.18 -28.48 -13.49
CA LEU B 192 -8.05 -29.77 -14.16
C LEU B 192 -8.60 -30.88 -13.30
N ALA B 193 -9.62 -31.59 -13.82
CA ALA B 193 -10.28 -32.76 -13.23
C ALA B 193 -9.27 -33.81 -12.79
N PRO B 194 -9.53 -34.57 -11.71
CA PRO B 194 -8.45 -35.36 -11.10
C PRO B 194 -8.02 -36.57 -11.89
N ASP B 195 -8.63 -36.85 -13.04
CA ASP B 195 -8.21 -38.00 -13.86
C ASP B 195 -7.84 -37.56 -15.26
N THR B 196 -7.52 -36.27 -15.43
CA THR B 196 -7.12 -35.62 -16.69
C THR B 196 -8.09 -35.92 -17.82
N ARG B 197 -9.33 -35.62 -17.58
CA ARG B 197 -10.35 -35.81 -18.61
C ARG B 197 -11.14 -34.56 -18.87
N LEU B 198 -11.43 -33.78 -17.84
CA LEU B 198 -12.34 -32.66 -17.94
C LEU B 198 -11.69 -31.42 -17.33
N PHE B 199 -12.36 -30.29 -17.48
CA PHE B 199 -12.08 -29.11 -16.69
C PHE B 199 -13.31 -28.25 -16.70
N VAL B 200 -13.63 -27.70 -15.59
CA VAL B 200 -14.78 -26.81 -15.54
C VAL B 200 -14.31 -25.40 -15.80
N SER B 201 -15.15 -24.60 -16.44
CA SER B 201 -14.75 -23.31 -16.97
C SER B 201 -15.82 -22.28 -16.63
N GLY B 202 -15.41 -21.21 -15.98
CA GLY B 202 -16.33 -20.16 -15.58
C GLY B 202 -16.01 -18.85 -16.26
N ALA B 203 -17.02 -17.99 -16.37
CA ALA B 203 -16.92 -16.86 -17.29
C ALA B 203 -17.60 -15.65 -16.67
N CYS B 204 -17.91 -14.67 -17.52
CA CYS B 204 -18.53 -13.44 -17.05
C CYS B 204 -19.98 -13.63 -16.66
N ASP B 205 -20.75 -14.36 -17.48
CA ASP B 205 -22.19 -14.44 -17.32
C ASP B 205 -22.63 -15.63 -16.50
N ALA B 206 -21.80 -16.06 -15.54
CA ALA B 206 -22.06 -17.17 -14.62
C ALA B 206 -22.28 -18.51 -15.31
N SER B 207 -21.84 -18.64 -16.56
CA SER B 207 -22.12 -19.83 -17.34
C SER B 207 -20.99 -20.82 -17.12
N ALA B 208 -21.04 -21.50 -15.98
CA ALA B 208 -20.06 -22.52 -15.69
C ALA B 208 -20.32 -23.72 -16.58
N LYS B 209 -19.42 -23.99 -17.52
CA LYS B 209 -19.60 -25.07 -18.47
C LYS B 209 -18.47 -26.07 -18.34
N LEU B 210 -18.80 -27.34 -18.53
CA LEU B 210 -17.82 -28.42 -18.47
C LEU B 210 -17.42 -28.79 -19.89
N TRP B 211 -16.24 -29.40 -20.02
CA TRP B 211 -15.75 -29.85 -21.31
C TRP B 211 -15.09 -31.21 -21.14
N ASP B 212 -14.83 -31.87 -22.27
CA ASP B 212 -14.05 -33.09 -22.28
C ASP B 212 -13.00 -32.99 -23.39
N VAL B 213 -11.86 -33.64 -23.15
CA VAL B 213 -10.67 -33.37 -23.96
C VAL B 213 -10.65 -34.19 -25.24
N ARG B 214 -10.96 -35.49 -25.15
CA ARG B 214 -10.83 -36.36 -26.32
C ARG B 214 -11.86 -36.03 -27.39
N GLU B 215 -13.11 -35.79 -26.98
CA GLU B 215 -14.10 -35.38 -27.96
C GLU B 215 -13.92 -33.91 -28.37
N GLY B 216 -13.61 -33.05 -27.41
CA GLY B 216 -13.40 -31.65 -27.72
C GLY B 216 -14.66 -30.88 -28.02
N MET B 217 -15.71 -31.09 -27.22
CA MET B 217 -16.96 -30.37 -27.38
C MET B 217 -17.49 -30.03 -25.99
N CYS B 218 -18.64 -29.39 -25.95
CA CYS B 218 -19.23 -29.02 -24.68
C CYS B 218 -20.09 -30.14 -24.12
N ARG B 219 -20.36 -30.05 -22.81
CA ARG B 219 -21.09 -31.09 -22.11
C ARG B 219 -22.37 -30.59 -21.46
N GLN B 220 -22.31 -29.48 -20.72
CA GLN B 220 -23.42 -29.10 -19.88
C GLN B 220 -23.32 -27.61 -19.57
N THR B 221 -24.35 -27.09 -18.92
CA THR B 221 -24.39 -25.70 -18.48
C THR B 221 -24.70 -25.68 -16.99
N PHE B 222 -24.20 -24.66 -16.30
CA PHE B 222 -24.59 -24.38 -14.92
C PHE B 222 -24.69 -22.88 -14.79
N THR B 223 -25.90 -22.36 -14.66
CA THR B 223 -26.15 -20.93 -14.49
C THR B 223 -26.89 -20.74 -13.18
N GLY B 224 -26.23 -20.18 -12.18
CA GLY B 224 -26.88 -20.00 -10.90
C GLY B 224 -26.51 -18.75 -10.15
N HIS B 225 -25.93 -17.77 -10.83
CA HIS B 225 -25.47 -16.57 -10.15
C HIS B 225 -25.98 -15.33 -10.83
N GLU B 226 -26.29 -14.33 -10.02
CA GLU B 226 -26.81 -13.07 -10.51
C GLU B 226 -25.72 -12.12 -10.99
N SER B 227 -24.47 -12.54 -10.94
CA SER B 227 -23.38 -11.65 -11.31
C SER B 227 -22.20 -12.49 -11.78
N ASP B 228 -21.03 -11.87 -11.85
CA ASP B 228 -19.84 -12.52 -12.37
C ASP B 228 -19.21 -13.43 -11.33
N ILE B 229 -18.50 -14.46 -11.80
CA ILE B 229 -17.79 -15.39 -10.94
C ILE B 229 -16.29 -15.16 -11.10
N ASN B 230 -15.51 -15.72 -10.19
CA ASN B 230 -14.07 -15.48 -10.31
C ASN B 230 -13.18 -16.69 -10.08
N ALA B 231 -13.60 -17.74 -9.40
CA ALA B 231 -12.73 -18.89 -9.23
C ALA B 231 -13.56 -20.13 -9.00
N ILE B 232 -13.11 -21.26 -9.53
CA ILE B 232 -13.81 -22.53 -9.39
C ILE B 232 -12.81 -23.64 -9.16
N CYS B 233 -13.23 -24.62 -8.37
CA CYS B 233 -12.55 -25.90 -8.28
C CYS B 233 -13.58 -26.91 -7.80
N PHE B 234 -13.15 -28.16 -7.65
CA PHE B 234 -14.08 -29.24 -7.40
C PHE B 234 -13.68 -30.09 -6.21
N PHE B 235 -14.50 -31.10 -5.96
CA PHE B 235 -14.19 -32.06 -4.93
C PHE B 235 -13.18 -33.07 -5.46
N PRO B 236 -12.28 -33.56 -4.61
CA PRO B 236 -11.18 -34.39 -5.11
C PRO B 236 -11.58 -35.77 -5.60
N ASN B 237 -12.79 -36.26 -5.35
CA ASN B 237 -13.15 -37.55 -5.93
C ASN B 237 -14.00 -37.41 -7.19
N GLY B 238 -14.11 -36.21 -7.75
CA GLY B 238 -14.70 -36.04 -9.06
C GLY B 238 -16.20 -36.26 -9.09
N ASN B 239 -16.95 -35.51 -8.28
CA ASN B 239 -18.39 -35.63 -8.32
C ASN B 239 -19.04 -34.26 -8.42
N ALA B 240 -18.40 -33.27 -7.83
CA ALA B 240 -19.07 -32.01 -7.54
C ALA B 240 -18.04 -30.88 -7.54
N PHE B 241 -18.47 -29.71 -8.00
CA PHE B 241 -17.57 -28.56 -8.06
C PHE B 241 -18.20 -27.33 -7.42
N ALA B 242 -17.35 -26.55 -6.77
CA ALA B 242 -17.73 -25.35 -6.05
C ALA B 242 -17.37 -24.12 -6.85
N THR B 243 -18.02 -23.01 -6.54
CA THR B 243 -17.93 -21.82 -7.36
C THR B 243 -18.10 -20.63 -6.44
N GLY B 244 -17.31 -19.59 -6.68
CA GLY B 244 -17.46 -18.36 -5.93
C GLY B 244 -17.51 -17.13 -6.82
N SER B 245 -18.40 -16.21 -6.47
CA SER B 245 -18.73 -15.08 -7.31
C SER B 245 -18.27 -13.79 -6.65
N ASP B 246 -18.61 -12.66 -7.25
CA ASP B 246 -18.21 -11.37 -6.71
C ASP B 246 -19.27 -10.73 -5.84
N ASP B 247 -20.28 -11.47 -5.43
CA ASP B 247 -21.32 -10.94 -4.54
C ASP B 247 -21.59 -11.89 -3.39
N ALA B 248 -20.54 -12.59 -2.95
CA ALA B 248 -20.55 -13.46 -1.76
C ALA B 248 -21.58 -14.58 -1.90
N THR B 249 -21.57 -15.25 -3.03
CA THR B 249 -22.53 -16.29 -3.33
C THR B 249 -21.85 -17.60 -3.69
N CYS B 250 -20.93 -18.07 -2.83
CA CYS B 250 -20.30 -19.37 -2.99
C CYS B 250 -21.36 -20.46 -3.04
N ARG B 251 -21.40 -21.19 -4.15
CA ARG B 251 -22.38 -22.22 -4.39
C ARG B 251 -21.66 -23.50 -4.77
N LEU B 252 -22.40 -24.61 -4.78
CA LEU B 252 -21.80 -25.91 -5.02
C LEU B 252 -22.78 -26.74 -5.84
N PHE B 253 -22.29 -27.27 -6.97
CA PHE B 253 -23.06 -28.07 -7.91
C PHE B 253 -22.47 -29.47 -7.98
N ASP B 254 -23.23 -30.39 -8.54
CA ASP B 254 -22.80 -31.75 -8.83
C ASP B 254 -22.72 -31.96 -10.33
N LEU B 255 -21.75 -32.77 -10.78
CA LEU B 255 -21.49 -32.94 -12.21
C LEU B 255 -22.63 -33.62 -12.96
N ARG B 256 -23.52 -34.35 -12.31
CA ARG B 256 -24.57 -35.08 -13.01
C ARG B 256 -25.94 -34.77 -12.44
N ALA B 257 -26.17 -33.52 -12.04
CA ALA B 257 -27.47 -33.15 -11.50
C ALA B 257 -28.04 -31.86 -12.04
N ASP B 258 -27.21 -30.96 -12.61
CA ASP B 258 -27.65 -29.66 -13.16
C ASP B 258 -28.38 -28.82 -12.12
N GLN B 259 -27.91 -28.86 -10.87
CA GLN B 259 -28.67 -28.26 -9.79
C GLN B 259 -27.74 -27.61 -8.78
N GLU B 260 -28.25 -26.54 -8.17
CA GLU B 260 -27.58 -25.84 -7.09
C GLU B 260 -27.67 -26.72 -5.85
N LEU B 261 -26.63 -27.52 -5.62
CA LEU B 261 -26.71 -28.49 -4.54
C LEU B 261 -26.59 -27.83 -3.17
N MET B 262 -25.80 -26.78 -3.05
CA MET B 262 -25.74 -26.08 -1.77
C MET B 262 -25.28 -24.65 -1.96
N THR B 263 -25.98 -23.71 -1.33
CA THR B 263 -25.53 -22.33 -1.24
C THR B 263 -24.91 -22.11 0.14
N TYR B 264 -23.82 -21.35 0.18
CA TYR B 264 -23.13 -21.06 1.43
C TYR B 264 -23.19 -19.57 1.75
N SER B 265 -24.28 -18.91 1.39
CA SER B 265 -24.36 -17.48 1.54
C SER B 265 -24.49 -17.08 3.01
N HIS B 266 -24.20 -15.82 3.29
CA HIS B 266 -24.30 -15.29 4.63
C HIS B 266 -24.81 -13.86 4.56
N ASP B 267 -25.51 -13.45 5.62
CA ASP B 267 -26.22 -12.18 5.61
C ASP B 267 -25.31 -10.99 5.91
N ASN B 268 -24.22 -11.21 6.62
CA ASN B 268 -23.35 -10.10 6.96
C ASN B 268 -22.46 -9.69 5.79
N ILE B 269 -21.87 -10.66 5.09
CA ILE B 269 -20.79 -10.39 4.15
C ILE B 269 -21.32 -9.71 2.90
N ILE B 270 -20.59 -8.70 2.44
CA ILE B 270 -21.09 -7.80 1.41
C ILE B 270 -20.17 -7.66 0.23
N CYS B 271 -18.91 -8.04 0.34
CA CYS B 271 -17.94 -7.86 -0.74
C CYS B 271 -17.56 -9.22 -1.32
N GLY B 272 -16.99 -9.19 -2.52
CA GLY B 272 -16.83 -10.40 -3.31
C GLY B 272 -15.73 -11.30 -2.79
N ILE B 273 -15.45 -12.34 -3.57
CA ILE B 273 -14.38 -13.26 -3.21
C ILE B 273 -13.25 -13.14 -4.22
N THR B 274 -12.15 -13.83 -3.98
CA THR B 274 -11.15 -13.96 -5.02
C THR B 274 -10.72 -15.39 -5.32
N SER B 275 -10.82 -16.33 -4.38
CA SER B 275 -10.40 -17.70 -4.67
C SER B 275 -11.05 -18.66 -3.69
N VAL B 276 -11.19 -19.90 -4.14
CA VAL B 276 -11.84 -20.97 -3.40
C VAL B 276 -11.10 -22.26 -3.68
N SER B 277 -10.80 -23.03 -2.64
CA SER B 277 -10.27 -24.36 -2.85
C SER B 277 -10.73 -25.27 -1.72
N PHE B 278 -11.11 -26.49 -2.07
CA PHE B 278 -11.45 -27.48 -1.07
C PHE B 278 -10.19 -27.96 -0.35
N SER B 279 -10.40 -28.51 0.85
CA SER B 279 -9.32 -29.16 1.58
C SER B 279 -9.20 -30.60 1.12
N LYS B 280 -8.43 -31.40 1.86
CA LYS B 280 -8.26 -32.80 1.49
C LYS B 280 -9.50 -33.62 1.82
N SER B 281 -10.00 -33.48 3.04
CA SER B 281 -11.18 -34.23 3.44
C SER B 281 -12.41 -33.72 2.73
N GLY B 282 -12.55 -32.41 2.63
CA GLY B 282 -13.79 -31.84 2.17
C GLY B 282 -14.80 -31.66 3.26
N ARG B 283 -14.38 -31.65 4.52
CA ARG B 283 -15.28 -31.31 5.60
C ARG B 283 -15.51 -29.80 5.68
N LEU B 284 -14.68 -29.02 5.03
CA LEU B 284 -14.77 -27.58 5.16
C LEU B 284 -14.31 -26.92 3.87
N LEU B 285 -14.95 -25.81 3.52
CA LEU B 285 -14.63 -25.04 2.32
C LEU B 285 -13.81 -23.82 2.70
N LEU B 286 -12.70 -23.64 2.02
CA LEU B 286 -11.79 -22.53 2.29
C LEU B 286 -12.04 -21.44 1.26
N ALA B 287 -12.00 -20.18 1.70
CA ALA B 287 -12.31 -19.07 0.81
C ALA B 287 -11.66 -17.79 1.35
N GLY B 288 -11.54 -16.81 0.45
CA GLY B 288 -10.96 -15.53 0.81
C GLY B 288 -11.65 -14.34 0.17
N TYR B 289 -11.95 -13.32 0.96
CA TYR B 289 -12.89 -12.30 0.55
C TYR B 289 -12.20 -10.96 0.36
N ASP B 290 -12.98 -9.91 0.11
CA ASP B 290 -12.39 -8.59 -0.03
C ASP B 290 -12.18 -7.88 1.30
N ASP B 291 -12.94 -8.22 2.34
CA ASP B 291 -12.71 -7.58 3.63
C ASP B 291 -11.62 -8.28 4.45
N PHE B 292 -10.49 -8.56 3.80
CA PHE B 292 -9.19 -8.83 4.42
C PHE B 292 -9.18 -10.15 5.18
N ASN B 293 -10.18 -10.98 4.93
CA ASN B 293 -10.39 -12.14 5.77
C ASN B 293 -10.38 -13.40 4.93
N CYS B 294 -9.72 -14.44 5.44
CA CYS B 294 -9.85 -15.76 4.87
C CYS B 294 -10.78 -16.57 5.78
N ASN B 295 -12.06 -16.20 5.80
CA ASN B 295 -13.02 -16.87 6.66
C ASN B 295 -13.40 -18.21 6.05
N VAL B 296 -13.33 -19.27 6.83
CA VAL B 296 -13.46 -20.62 6.32
C VAL B 296 -14.81 -21.19 6.75
N TRP B 297 -15.57 -21.62 5.74
CA TRP B 297 -16.86 -22.24 5.90
C TRP B 297 -16.70 -23.71 6.25
N ASP B 298 -17.72 -24.26 6.92
CA ASP B 298 -17.88 -25.70 6.89
C ASP B 298 -18.38 -26.13 5.53
N ALA B 299 -18.35 -27.43 5.26
CA ALA B 299 -18.89 -27.93 4.02
C ALA B 299 -20.15 -28.74 4.21
N LEU B 300 -20.76 -28.67 5.36
CA LEU B 300 -21.92 -29.53 5.52
C LEU B 300 -23.16 -28.78 6.01
N LYS B 301 -23.01 -27.81 6.90
CA LYS B 301 -24.18 -27.20 7.52
C LYS B 301 -24.17 -25.68 7.48
N ALA B 302 -23.36 -25.09 6.59
CA ALA B 302 -23.48 -23.69 6.17
C ALA B 302 -23.27 -22.70 7.31
N ASP B 303 -22.14 -22.84 8.00
CA ASP B 303 -21.84 -21.99 9.15
C ASP B 303 -20.46 -21.41 9.00
N ARG B 304 -20.29 -20.19 9.49
CA ARG B 304 -18.96 -19.59 9.52
C ARG B 304 -18.15 -20.29 10.58
N ALA B 305 -17.45 -21.35 10.17
CA ALA B 305 -16.74 -22.18 11.12
C ALA B 305 -15.57 -21.43 11.73
N GLY B 306 -14.62 -20.99 10.91
CA GLY B 306 -13.44 -20.30 11.40
C GLY B 306 -13.30 -18.95 10.74
N VAL B 307 -12.72 -18.00 11.46
CA VAL B 307 -12.44 -16.68 10.93
C VAL B 307 -10.98 -16.39 11.23
N LEU B 308 -10.20 -16.08 10.20
CA LEU B 308 -8.80 -15.75 10.39
C LEU B 308 -8.45 -14.52 9.55
N ALA B 309 -7.87 -13.54 10.22
CA ALA B 309 -7.44 -12.28 9.62
C ALA B 309 -5.93 -12.26 9.66
N GLY B 310 -5.31 -12.61 8.53
CA GLY B 310 -3.87 -12.71 8.51
C GLY B 310 -3.19 -11.37 8.34
N HIS B 311 -3.76 -10.53 7.49
CA HIS B 311 -3.04 -9.35 7.00
C HIS B 311 -4.03 -8.31 6.51
N ASP B 312 -3.49 -7.13 6.23
CA ASP B 312 -4.30 -5.92 6.22
C ASP B 312 -4.94 -5.67 4.87
N ASN B 313 -4.30 -6.07 3.80
CA ASN B 313 -4.89 -5.84 2.48
C ASN B 313 -5.77 -7.01 2.10
N ARG B 314 -6.20 -7.06 0.85
CA ARG B 314 -7.09 -8.11 0.39
C ARG B 314 -6.29 -9.35 0.03
N VAL B 315 -6.84 -10.53 0.32
CA VAL B 315 -6.22 -11.76 -0.15
C VAL B 315 -6.37 -11.84 -1.65
N SER B 316 -5.47 -12.57 -2.29
CA SER B 316 -5.51 -12.63 -3.74
C SER B 316 -5.83 -14.01 -4.23
N CYS B 317 -5.09 -15.00 -3.76
CA CYS B 317 -5.37 -16.38 -4.09
C CYS B 317 -4.77 -17.30 -3.05
N LEU B 318 -5.32 -18.50 -2.97
CA LEU B 318 -4.85 -19.45 -1.99
C LEU B 318 -4.99 -20.84 -2.58
N GLY B 319 -4.81 -21.86 -1.75
CA GLY B 319 -4.95 -23.20 -2.23
C GLY B 319 -4.25 -24.19 -1.33
N VAL B 320 -4.89 -25.30 -1.08
CA VAL B 320 -4.38 -26.24 -0.10
C VAL B 320 -3.33 -27.13 -0.75
N THR B 321 -2.57 -27.83 0.07
CA THR B 321 -1.77 -28.95 -0.38
C THR B 321 -2.61 -30.22 -0.46
N ASP B 322 -2.18 -31.15 -1.31
CA ASP B 322 -2.98 -32.34 -1.55
C ASP B 322 -2.94 -33.30 -0.37
N ASP B 323 -1.83 -33.33 0.38
CA ASP B 323 -1.81 -34.12 1.60
C ASP B 323 -2.46 -33.40 2.77
N GLY B 324 -2.86 -32.15 2.59
CA GLY B 324 -3.73 -31.49 3.54
C GLY B 324 -3.07 -31.07 4.83
N MET B 325 -1.75 -31.05 4.88
CA MET B 325 -1.11 -30.69 6.13
C MET B 325 -1.07 -29.19 6.36
N ALA B 326 -1.28 -28.38 5.32
CA ALA B 326 -1.04 -26.96 5.45
C ALA B 326 -1.95 -26.18 4.52
N VAL B 327 -1.97 -24.87 4.70
CA VAL B 327 -2.74 -23.96 3.87
C VAL B 327 -1.88 -22.75 3.60
N ALA B 328 -1.76 -22.36 2.34
CA ALA B 328 -1.04 -21.13 2.00
C ALA B 328 -2.06 -20.09 1.60
N THR B 329 -1.73 -18.81 1.81
CA THR B 329 -2.57 -17.73 1.31
C THR B 329 -1.71 -16.58 0.82
N GLY B 330 -2.21 -15.82 -0.13
CA GLY B 330 -1.43 -14.74 -0.68
C GLY B 330 -2.06 -13.37 -0.50
N SER B 331 -1.29 -12.43 0.04
CA SER B 331 -1.80 -11.12 0.41
C SER B 331 -1.89 -10.25 -0.84
N TRP B 332 -2.09 -8.94 -0.65
CA TRP B 332 -1.89 -8.00 -1.73
C TRP B 332 -0.66 -7.14 -1.43
N ASP B 333 0.03 -7.39 -0.32
CA ASP B 333 1.21 -6.62 0.06
C ASP B 333 2.35 -7.50 0.53
N SER B 334 2.67 -8.50 -0.29
CA SER B 334 3.93 -9.23 -0.32
C SER B 334 4.12 -10.25 0.79
N PHE B 335 3.17 -10.38 1.69
CA PHE B 335 3.35 -11.35 2.77
C PHE B 335 2.62 -12.64 2.45
N LEU B 336 3.37 -13.73 2.34
CA LEU B 336 2.82 -15.03 1.96
C LEU B 336 2.66 -15.87 3.21
N LYS B 337 1.50 -15.80 3.84
CA LYS B 337 1.27 -16.53 5.08
C LYS B 337 1.02 -18.01 4.81
N ILE B 338 1.57 -18.85 5.69
CA ILE B 338 1.32 -20.29 5.65
C ILE B 338 0.59 -20.69 6.92
N TRP B 339 -0.74 -20.68 6.85
CA TRP B 339 -1.55 -21.10 7.97
C TRP B 339 -1.52 -22.61 8.12
N ASN B 340 -1.80 -23.06 9.32
CA ASN B 340 -1.97 -24.48 9.57
C ASN B 340 -3.30 -24.72 10.23
N ASP C 15 -21.45 -12.67 -40.23
CA ASP C 15 -20.29 -13.49 -40.54
C ASP C 15 -19.37 -13.62 -39.34
N LEU C 16 -19.24 -12.53 -38.58
CA LEU C 16 -18.25 -12.49 -37.51
C LEU C 16 -18.71 -13.29 -36.29
N THR C 17 -19.76 -12.82 -35.62
CA THR C 17 -20.35 -13.55 -34.50
C THR C 17 -21.87 -13.52 -34.48
N GLU C 18 -22.51 -12.50 -35.09
CA GLU C 18 -23.85 -12.06 -34.71
C GLU C 18 -24.92 -13.10 -35.05
N LYS C 19 -25.05 -13.46 -36.32
CA LYS C 19 -26.00 -14.48 -36.72
C LYS C 19 -25.38 -15.87 -36.74
N ASP C 20 -24.35 -16.08 -35.94
CA ASP C 20 -23.66 -17.37 -35.81
C ASP C 20 -23.61 -17.85 -34.37
N LYS C 21 -23.42 -16.94 -33.41
CA LYS C 21 -23.38 -17.33 -32.00
C LYS C 21 -24.72 -17.85 -31.52
N LEU C 22 -25.82 -17.36 -32.10
CA LEU C 22 -27.14 -17.84 -31.69
C LEU C 22 -27.39 -19.25 -32.23
N LYS C 23 -26.93 -19.52 -33.46
CA LYS C 23 -27.03 -20.86 -34.00
C LYS C 23 -26.20 -21.85 -33.20
N MET C 24 -24.99 -21.43 -32.80
CA MET C 24 -24.17 -22.27 -31.93
C MET C 24 -24.82 -22.51 -30.58
N GLU C 25 -25.47 -21.47 -30.02
CA GLU C 25 -26.09 -21.61 -28.70
C GLU C 25 -27.33 -22.49 -28.76
N VAL C 26 -28.13 -22.39 -29.82
CA VAL C 26 -29.30 -23.25 -29.89
C VAL C 26 -28.91 -24.67 -30.25
N ASP C 27 -27.77 -24.86 -30.93
CA ASP C 27 -27.28 -26.22 -31.14
C ASP C 27 -26.78 -26.82 -29.83
N GLN C 28 -26.14 -26.00 -29.00
CA GLN C 28 -25.74 -26.43 -27.66
C GLN C 28 -26.95 -26.81 -26.82
N LEU C 29 -28.01 -25.99 -26.86
CA LEU C 29 -29.20 -26.26 -26.07
C LEU C 29 -29.96 -27.47 -26.59
N LYS C 30 -29.93 -27.71 -27.90
CA LYS C 30 -30.52 -28.95 -28.41
C LYS C 30 -29.68 -30.16 -28.01
N LYS C 31 -28.38 -29.97 -27.82
CA LYS C 31 -27.56 -31.05 -27.29
C LYS C 31 -27.82 -31.29 -25.81
N GLU C 32 -28.24 -30.26 -25.08
CA GLU C 32 -28.32 -30.37 -23.63
C GLU C 32 -29.55 -31.13 -23.13
N VAL C 33 -30.61 -31.22 -23.93
CA VAL C 33 -31.91 -31.67 -23.41
C VAL C 33 -31.97 -33.16 -23.14
N THR C 34 -30.99 -33.93 -23.60
CA THR C 34 -31.05 -35.39 -23.55
C THR C 34 -30.30 -35.98 -22.36
N LEU C 35 -30.03 -35.20 -21.33
CA LEU C 35 -29.22 -35.64 -20.21
C LEU C 35 -30.10 -35.90 -19.00
N GLU C 36 -30.16 -37.16 -18.57
CA GLU C 36 -31.02 -37.55 -17.47
C GLU C 36 -30.33 -37.34 -16.13
N ARG C 37 -31.13 -37.00 -15.13
CA ARG C 37 -30.64 -36.73 -13.79
C ARG C 37 -31.82 -36.77 -12.83
N MET C 38 -31.55 -37.25 -11.63
CA MET C 38 -32.53 -37.33 -10.55
C MET C 38 -31.72 -37.47 -9.26
N LEU C 39 -32.36 -38.00 -8.21
CA LEU C 39 -31.69 -38.62 -7.06
C LEU C 39 -30.82 -37.62 -6.30
N VAL C 40 -31.34 -36.41 -6.14
CA VAL C 40 -30.63 -35.36 -5.41
C VAL C 40 -30.43 -35.76 -3.95
N SER C 41 -31.45 -36.37 -3.36
CA SER C 41 -31.32 -36.89 -1.99
C SER C 41 -30.28 -37.99 -1.91
N LYS C 42 -30.23 -38.86 -2.93
CA LYS C 42 -29.26 -39.94 -2.95
C LYS C 42 -27.85 -39.40 -3.13
N CYS C 43 -27.67 -38.39 -3.98
CA CYS C 43 -26.34 -37.86 -4.20
C CYS C 43 -25.87 -37.05 -3.00
N CYS C 44 -26.80 -36.39 -2.30
CA CYS C 44 -26.43 -35.72 -1.06
C CYS C 44 -26.03 -36.71 0.01
N GLU C 45 -26.75 -37.84 0.12
CA GLU C 45 -26.33 -38.90 1.04
C GLU C 45 -24.96 -39.46 0.66
N GLU C 46 -24.69 -39.62 -0.64
CA GLU C 46 -23.42 -40.15 -1.09
C GLU C 46 -22.28 -39.19 -0.82
N PHE C 47 -22.54 -37.89 -1.00
CA PHE C 47 -21.55 -36.88 -0.63
C PHE C 47 -21.33 -36.88 0.89
N ARG C 48 -22.40 -37.10 1.65
CA ARG C 48 -22.31 -37.15 3.11
C ARG C 48 -21.46 -38.31 3.58
N ASP C 49 -21.73 -39.50 3.08
CA ASP C 49 -20.94 -40.63 3.55
C ASP C 49 -19.53 -40.62 2.97
N TYR C 50 -19.31 -39.97 1.82
CA TYR C 50 -17.93 -39.83 1.37
C TYR C 50 -17.13 -38.88 2.24
N VAL C 51 -17.74 -37.79 2.70
CA VAL C 51 -16.93 -36.90 3.52
C VAL C 51 -16.76 -37.46 4.93
N GLU C 52 -17.79 -38.10 5.48
CA GLU C 52 -17.70 -38.63 6.82
C GLU C 52 -16.92 -39.93 6.88
N GLU C 53 -16.67 -40.57 5.74
CA GLU C 53 -15.86 -41.78 5.74
C GLU C 53 -14.41 -41.46 6.08
N ARG C 54 -13.94 -40.28 5.68
CA ARG C 54 -12.54 -39.93 5.82
C ARG C 54 -12.27 -38.74 6.73
N SER C 55 -13.32 -38.02 7.16
CA SER C 55 -13.08 -36.77 7.88
C SER C 55 -12.48 -36.98 9.26
N GLY C 56 -12.56 -38.19 9.82
CA GLY C 56 -11.94 -38.44 11.11
C GLY C 56 -10.44 -38.49 11.04
N GLU C 57 -9.88 -39.04 9.97
CA GLU C 57 -8.45 -39.11 9.81
C GLU C 57 -7.89 -37.90 9.09
N ASP C 58 -8.64 -36.83 9.00
CA ASP C 58 -8.18 -35.65 8.31
C ASP C 58 -7.19 -34.87 9.15
N PRO C 59 -6.07 -34.45 8.57
CA PRO C 59 -5.04 -33.77 9.35
C PRO C 59 -5.37 -32.34 9.71
N LEU C 60 -6.43 -31.76 9.16
CA LEU C 60 -6.74 -30.36 9.43
C LEU C 60 -7.86 -30.20 10.45
N VAL C 61 -8.72 -31.20 10.62
CA VAL C 61 -9.92 -31.00 11.42
C VAL C 61 -9.68 -31.24 12.91
N LYS C 62 -8.59 -31.89 13.29
CA LYS C 62 -8.43 -32.36 14.66
C LYS C 62 -7.30 -31.65 15.39
N GLY C 63 -6.08 -31.68 14.89
CA GLY C 63 -4.99 -31.02 15.56
C GLY C 63 -3.65 -31.63 15.16
N ILE C 64 -2.61 -31.13 15.82
CA ILE C 64 -1.23 -31.50 15.51
C ILE C 64 -0.47 -31.92 16.77
N PRO C 65 0.00 -33.16 16.84
CA PRO C 65 0.80 -33.57 18.01
C PRO C 65 2.29 -33.31 17.88
N GLU C 66 2.67 -32.14 17.34
CA GLU C 66 4.05 -31.60 17.31
C GLU C 66 5.10 -32.57 16.74
N ASP C 67 4.70 -33.53 15.93
CA ASP C 67 5.58 -34.64 15.61
C ASP C 67 5.97 -34.71 14.14
N LYS C 68 4.99 -34.63 13.23
CA LYS C 68 5.27 -34.80 11.81
C LYS C 68 4.98 -33.56 10.99
N ASN C 69 4.21 -32.61 11.51
CA ASN C 69 3.97 -31.36 10.80
C ASN C 69 5.28 -30.59 10.68
N PRO C 70 5.79 -30.39 9.51
CA PRO C 70 7.13 -29.79 9.36
C PRO C 70 7.12 -28.27 9.44
N PHE C 71 6.40 -27.75 10.42
CA PHE C 71 6.29 -26.32 10.68
C PHE C 71 6.47 -26.05 12.16
N LYS C 72 7.44 -26.71 12.78
CA LYS C 72 7.84 -26.38 14.14
C LYS C 72 8.42 -24.96 14.16
N GLU C 73 8.26 -24.29 15.30
CA GLU C 73 8.44 -22.84 15.35
C GLU C 73 9.90 -22.42 15.19
N LEU C 74 10.84 -23.34 15.38
CA LEU C 74 12.29 -23.16 15.29
C LEU C 74 12.84 -21.88 15.94
N MET D 1 28.33 42.13 44.50
CA MET D 1 29.08 40.88 44.45
C MET D 1 28.19 39.72 44.03
N ASN D 2 28.81 38.72 43.40
CA ASN D 2 28.08 37.52 43.02
C ASN D 2 27.77 36.67 44.26
N GLY D 3 27.02 35.60 44.05
CA GLY D 3 26.53 34.80 45.14
C GLY D 3 27.60 34.00 45.86
N THR D 4 27.16 33.28 46.88
CA THR D 4 28.09 32.61 47.79
C THR D 4 28.05 31.11 47.59
N GLU D 5 29.15 30.46 47.91
CA GLU D 5 29.36 29.08 47.53
C GLU D 5 29.80 28.25 48.72
N GLY D 6 29.31 27.02 48.77
CA GLY D 6 29.77 26.07 49.74
C GLY D 6 30.75 25.12 49.11
N PRO D 7 30.83 23.89 49.62
CA PRO D 7 31.70 22.89 49.01
C PRO D 7 31.24 22.48 47.62
N ASN D 8 29.96 22.15 47.48
CA ASN D 8 29.43 21.69 46.20
C ASN D 8 28.06 22.29 45.93
N PHE D 9 27.91 23.58 46.18
CA PHE D 9 26.69 24.30 45.80
C PHE D 9 27.01 25.78 45.70
N TYR D 10 26.16 26.48 44.97
CA TYR D 10 26.23 27.92 44.81
C TYR D 10 24.85 28.48 45.08
N VAL D 11 24.79 29.73 45.53
CA VAL D 11 23.48 30.32 45.79
C VAL D 11 23.55 31.80 45.38
N PRO D 12 22.50 32.34 44.75
CA PRO D 12 22.56 33.69 44.20
C PRO D 12 22.32 34.82 45.17
N PHE D 13 22.36 34.58 46.46
CA PHE D 13 22.24 35.68 47.40
C PHE D 13 23.58 35.91 48.10
N SER D 14 23.68 37.06 48.75
CA SER D 14 24.88 37.40 49.49
C SER D 14 24.86 36.74 50.86
N ASN D 15 26.04 36.62 51.45
CA ASN D 15 26.17 36.17 52.83
C ASN D 15 26.44 37.35 53.74
N LYS D 16 25.75 38.47 53.47
CA LYS D 16 25.95 39.68 54.25
C LYS D 16 25.44 39.52 55.67
N THR D 17 24.22 39.03 55.82
CA THR D 17 23.62 38.84 57.13
C THR D 17 23.82 37.44 57.70
N GLY D 18 24.26 36.49 56.89
CA GLY D 18 24.53 35.15 57.37
C GLY D 18 23.29 34.34 57.68
N VAL D 19 22.47 34.07 56.66
CA VAL D 19 21.22 33.35 56.87
C VAL D 19 21.07 32.12 56.01
N VAL D 20 21.85 31.94 54.96
CA VAL D 20 21.64 30.83 54.03
C VAL D 20 22.49 29.65 54.47
N ARG D 21 21.83 28.58 54.86
CA ARG D 21 22.48 27.36 55.31
C ARG D 21 22.64 26.41 54.11
N SER D 22 22.88 25.13 54.37
CA SER D 22 23.11 24.17 53.31
C SER D 22 21.82 23.93 52.52
N PRO D 23 21.90 23.79 51.20
CA PRO D 23 20.70 23.64 50.38
C PRO D 23 20.24 22.22 50.26
N PHE D 24 20.70 21.36 51.17
CA PHE D 24 20.26 19.98 51.23
C PHE D 24 19.48 19.68 52.50
N GLU D 25 19.75 20.41 53.58
CA GLU D 25 19.12 20.27 54.88
C GLU D 25 17.95 21.24 55.04
N ALA D 26 17.70 21.62 56.31
CA ALA D 26 16.59 22.39 56.90
C ALA D 26 16.07 23.52 56.02
N PRO D 27 14.75 23.76 56.03
CA PRO D 27 14.10 24.48 54.91
C PRO D 27 14.56 25.92 54.71
N GLN D 28 14.29 26.41 53.51
CA GLN D 28 14.61 27.76 53.10
C GLN D 28 13.31 28.50 52.81
N TYR D 29 13.13 29.64 53.47
CA TYR D 29 12.06 30.56 53.11
C TYR D 29 12.56 31.98 53.16
N TYR D 30 13.86 32.17 52.95
CA TYR D 30 14.49 33.47 53.06
C TYR D 30 15.21 33.85 51.79
N LEU D 31 15.02 33.08 50.72
CA LEU D 31 15.30 33.50 49.37
C LEU D 31 14.04 33.68 48.54
N ALA D 32 12.94 33.06 48.94
CA ALA D 32 11.66 33.24 48.28
C ALA D 32 10.54 32.94 49.28
N GLU D 33 9.47 33.71 49.17
CA GLU D 33 8.29 33.52 50.02
C GLU D 33 7.56 32.23 49.63
N PRO D 34 6.84 31.59 50.57
CA PRO D 34 6.32 30.24 50.31
C PRO D 34 5.26 30.16 49.23
N TRP D 35 4.55 31.26 48.96
CA TRP D 35 3.54 31.21 47.92
C TRP D 35 4.16 31.12 46.54
N GLN D 36 5.38 31.64 46.39
CA GLN D 36 6.13 31.44 45.15
C GLN D 36 6.48 29.97 44.96
N PHE D 37 6.92 29.31 46.03
CA PHE D 37 7.26 27.88 45.98
C PHE D 37 6.05 27.05 45.60
N SER D 38 4.92 27.31 46.25
CA SER D 38 3.73 26.52 45.98
C SER D 38 3.16 26.81 44.59
N MET D 39 3.29 28.04 44.09
CA MET D 39 2.87 28.32 42.73
C MET D 39 3.75 27.58 41.72
N LEU D 40 5.04 27.49 42.00
CA LEU D 40 5.94 26.69 41.15
C LEU D 40 5.54 25.23 41.16
N ALA D 41 5.17 24.71 42.33
CA ALA D 41 4.72 23.33 42.43
C ALA D 41 3.44 23.10 41.64
N ALA D 42 2.54 24.07 41.69
CA ALA D 42 1.28 23.96 40.95
C ALA D 42 1.53 23.98 39.44
N TYR D 43 2.47 24.81 39.00
CA TYR D 43 2.77 24.89 37.58
C TYR D 43 3.37 23.59 37.08
N MET D 44 4.29 23.00 37.84
CA MET D 44 4.89 21.75 37.39
C MET D 44 3.89 20.59 37.46
N PHE D 45 2.96 20.61 38.42
CA PHE D 45 1.94 19.57 38.46
C PHE D 45 1.02 19.65 37.26
N LEU D 46 0.64 20.87 36.88
CA LEU D 46 -0.14 21.10 35.65
C LEU D 46 0.61 20.58 34.44
N LEU D 47 1.92 20.81 34.41
CA LEU D 47 2.71 20.41 33.26
C LEU D 47 2.83 18.90 33.17
N ILE D 48 2.90 18.23 34.33
CA ILE D 48 2.89 16.77 34.35
C ILE D 48 1.57 16.24 33.79
N MET D 49 0.46 16.76 34.32
CA MET D 49 -0.85 16.20 33.98
C MET D 49 -1.24 16.49 32.53
N LEU D 50 -0.71 17.55 31.94
CA LEU D 50 -0.97 17.72 30.53
C LEU D 50 0.05 17.01 29.64
N GLY D 51 1.31 16.91 30.07
CA GLY D 51 2.34 16.42 29.17
C GLY D 51 2.52 14.92 29.13
N PHE D 52 2.03 14.22 30.16
CA PHE D 52 2.05 12.76 30.07
C PHE D 52 1.12 12.18 29.01
N PRO D 53 -0.17 12.55 28.91
CA PRO D 53 -1.04 11.81 27.98
C PRO D 53 -0.79 12.09 26.51
N ILE D 54 -0.17 13.21 26.14
CA ILE D 54 0.15 13.42 24.73
C ILE D 54 1.19 12.42 24.26
N ASN D 55 2.25 12.24 25.05
CA ASN D 55 3.30 11.29 24.67
C ASN D 55 2.83 9.85 24.81
N PHE D 56 2.06 9.56 25.87
CA PHE D 56 1.51 8.21 26.03
C PHE D 56 0.54 7.88 24.90
N LEU D 57 -0.22 8.87 24.44
CA LEU D 57 -1.20 8.64 23.39
C LEU D 57 -0.55 8.48 22.03
N THR D 58 0.50 9.27 21.75
CA THR D 58 1.15 9.07 20.45
C THR D 58 1.95 7.77 20.42
N LEU D 59 2.42 7.29 21.57
CA LEU D 59 3.02 5.96 21.58
C LEU D 59 1.97 4.88 21.35
N TYR D 60 0.79 5.02 21.95
CA TYR D 60 -0.26 4.02 21.71
C TYR D 60 -0.75 4.05 20.27
N VAL D 61 -0.83 5.23 19.67
CA VAL D 61 -1.31 5.30 18.30
C VAL D 61 -0.28 4.72 17.34
N THR D 62 1.01 4.95 17.60
CA THR D 62 1.97 4.31 16.72
C THR D 62 2.17 2.83 17.02
N VAL D 63 1.69 2.32 18.17
CA VAL D 63 1.78 0.87 18.40
C VAL D 63 0.52 0.15 17.97
N GLN D 64 -0.56 0.88 17.68
CA GLN D 64 -1.79 0.22 17.26
C GLN D 64 -1.64 -0.40 15.88
N HIS D 65 -1.36 0.41 14.86
CA HIS D 65 -1.28 -0.06 13.50
C HIS D 65 0.04 0.32 12.88
N LYS D 66 0.30 -0.21 11.68
CA LYS D 66 1.54 0.06 10.96
C LYS D 66 1.24 0.56 9.55
N LYS D 67 0.16 1.33 9.42
CA LYS D 67 -0.01 2.16 8.25
C LYS D 67 0.76 3.47 8.39
N LEU D 68 1.22 3.76 9.60
CA LEU D 68 1.77 5.03 10.02
C LEU D 68 3.27 5.01 10.21
N ARG D 69 3.82 3.94 10.77
CA ARG D 69 5.27 3.84 10.95
C ARG D 69 5.93 3.54 9.62
N THR D 70 6.73 4.46 9.15
CA THR D 70 7.10 4.60 7.76
C THR D 70 8.62 4.68 7.81
N PRO D 71 9.34 4.81 6.70
CA PRO D 71 10.75 5.17 6.82
C PRO D 71 11.04 6.60 7.23
N LEU D 72 10.07 7.44 7.56
CA LEU D 72 10.43 8.80 7.89
C LEU D 72 9.97 9.25 9.27
N ASN D 73 8.94 8.65 9.85
CA ASN D 73 8.45 9.08 11.14
C ASN D 73 9.21 8.48 12.32
N TYR D 74 10.38 7.89 12.06
CA TYR D 74 11.25 7.43 13.14
C TYR D 74 11.73 8.59 14.02
N ILE D 75 12.18 9.68 13.39
CA ILE D 75 12.73 10.81 14.11
C ILE D 75 11.68 11.42 15.02
N LEU D 76 10.46 11.52 14.52
CA LEU D 76 9.40 12.12 15.29
C LEU D 76 8.92 11.19 16.39
N LEU D 77 9.01 9.87 16.19
CA LEU D 77 8.79 8.98 17.32
C LEU D 77 9.87 9.14 18.39
N ASN D 78 11.10 9.43 17.97
CA ASN D 78 12.16 9.68 18.94
C ASN D 78 11.90 10.94 19.72
N LEU D 79 11.34 11.97 19.06
CA LEU D 79 10.94 13.18 19.76
C LEU D 79 9.79 12.91 20.71
N ALA D 80 8.91 11.99 20.35
CA ALA D 80 7.84 11.61 21.26
C ALA D 80 8.37 10.87 22.48
N VAL D 81 9.42 10.07 22.33
CA VAL D 81 9.89 9.27 23.45
C VAL D 81 10.89 10.02 24.33
N ALA D 82 11.58 11.01 23.80
CA ALA D 82 12.56 11.71 24.63
C ALA D 82 11.89 12.62 25.64
N ASP D 83 10.70 13.10 25.30
CA ASP D 83 10.04 14.07 26.16
C ASP D 83 9.48 13.42 27.41
N LEU D 84 9.18 12.12 27.35
CA LEU D 84 8.65 11.48 28.54
C LEU D 84 9.73 11.24 29.59
N PHE D 85 11.00 11.26 29.20
CA PHE D 85 12.07 11.38 30.21
C PHE D 85 11.96 12.68 30.98
N MET D 86 11.72 13.80 30.29
CA MET D 86 11.63 15.06 30.99
C MET D 86 10.36 15.15 31.82
N VAL D 87 9.30 14.44 31.44
CA VAL D 87 8.10 14.51 32.28
C VAL D 87 8.14 13.47 33.39
N PHE D 88 8.96 12.43 33.27
CA PHE D 88 8.96 11.36 34.25
C PHE D 88 10.09 11.49 35.27
N GLY D 89 11.25 12.01 34.88
CA GLY D 89 12.33 12.15 35.82
C GLY D 89 12.49 13.57 36.32
N GLY D 90 12.40 14.54 35.42
CA GLY D 90 12.78 15.88 35.80
C GLY D 90 11.68 16.76 36.32
N PHE D 91 10.47 16.25 36.50
CA PHE D 91 9.35 17.10 36.90
C PHE D 91 8.76 16.71 38.25
N THR D 92 8.52 15.42 38.47
CA THR D 92 8.00 14.96 39.75
C THR D 92 8.98 15.22 40.87
N THR D 93 10.27 15.14 40.58
CA THR D 93 11.29 15.48 41.57
C THR D 93 11.18 16.93 41.99
N THR D 94 10.95 17.82 41.02
CA THR D 94 10.78 19.22 41.33
C THR D 94 9.50 19.46 42.12
N LEU D 95 8.45 18.70 41.82
CA LEU D 95 7.22 18.79 42.60
C LEU D 95 7.46 18.38 44.05
N TYR D 96 8.22 17.31 44.23
CA TYR D 96 8.54 16.77 45.55
C TYR D 96 9.29 17.79 46.39
N THR D 97 10.36 18.36 45.82
CA THR D 97 11.15 19.33 46.56
C THR D 97 10.46 20.67 46.71
N SER D 98 9.54 21.01 45.82
CA SER D 98 8.85 22.27 46.01
C SER D 98 7.81 22.12 47.10
N LEU D 99 7.22 20.92 47.21
CA LEU D 99 6.17 20.75 48.20
C LEU D 99 6.76 20.67 49.60
N HIS D 100 7.57 19.66 49.88
CA HIS D 100 7.97 19.46 51.27
C HIS D 100 9.45 19.78 51.46
N GLY D 101 9.72 20.70 52.38
CA GLY D 101 11.07 21.17 52.62
C GLY D 101 11.64 21.81 51.38
N TYR D 102 12.92 21.55 51.13
CA TYR D 102 13.48 21.74 49.79
C TYR D 102 14.68 20.82 49.60
N PHE D 103 14.57 19.98 48.58
CA PHE D 103 15.63 19.19 47.96
C PHE D 103 16.32 18.26 48.97
N VAL D 104 15.53 17.31 49.43
CA VAL D 104 15.95 16.44 50.52
C VAL D 104 16.58 15.17 49.98
N PHE D 105 16.91 15.14 48.69
CA PHE D 105 17.40 13.92 48.08
C PHE D 105 18.85 13.62 48.46
N GLY D 106 19.76 14.51 48.12
CA GLY D 106 21.16 14.29 48.37
C GLY D 106 21.98 14.55 47.12
N PRO D 107 23.30 14.67 47.27
CA PRO D 107 24.14 15.09 46.14
C PRO D 107 24.22 14.05 45.05
N THR D 108 24.20 12.76 45.38
CA THR D 108 24.07 11.75 44.35
C THR D 108 22.71 11.84 43.66
N GLY D 109 21.67 12.23 44.39
CA GLY D 109 20.37 12.46 43.78
C GLY D 109 20.39 13.61 42.81
N CYS D 110 21.12 14.66 43.13
CA CYS D 110 21.27 15.77 42.19
C CYS D 110 22.08 15.34 40.98
N ASN D 111 23.14 14.57 41.20
CA ASN D 111 23.95 14.10 40.09
C ASN D 111 23.23 13.08 39.22
N LEU D 112 22.12 12.51 39.71
CA LEU D 112 21.27 11.68 38.86
C LEU D 112 20.21 12.50 38.13
N GLU D 113 19.53 13.39 38.87
CA GLU D 113 18.47 14.21 38.29
C GLU D 113 19.00 15.13 37.21
N GLY D 114 20.23 15.62 37.36
CA GLY D 114 20.81 16.48 36.35
C GLY D 114 21.00 15.76 35.03
N PHE D 115 21.43 14.51 35.10
CA PHE D 115 21.62 13.73 33.89
C PHE D 115 20.27 13.43 33.23
N PHE D 116 19.31 12.93 34.02
CA PHE D 116 18.04 12.60 33.41
C PHE D 116 17.21 13.82 33.05
N ALA D 117 17.60 15.02 33.47
CA ALA D 117 16.89 16.21 33.09
C ALA D 117 17.62 17.05 32.07
N THR D 118 18.87 16.72 31.73
CA THR D 118 19.43 17.36 30.55
C THR D 118 19.39 16.48 29.32
N LEU D 119 19.26 15.16 29.50
CA LEU D 119 19.25 14.28 28.35
C LEU D 119 18.02 14.50 27.49
N GLY D 120 16.87 14.74 28.13
CA GLY D 120 15.64 14.93 27.39
C GLY D 120 15.66 16.19 26.56
N GLY D 121 16.13 17.29 27.16
CA GLY D 121 16.24 18.54 26.41
C GLY D 121 17.21 18.42 25.26
N GLU D 122 18.31 17.70 25.46
CA GLU D 122 19.29 17.62 24.38
C GLU D 122 18.79 16.77 23.22
N ILE D 123 18.09 15.67 23.53
CA ILE D 123 17.55 14.83 22.46
C ILE D 123 16.46 15.59 21.72
N ALA D 124 15.69 16.43 22.43
CA ALA D 124 14.69 17.26 21.76
C ALA D 124 15.33 18.22 20.77
N LEU D 125 16.42 18.87 21.18
CA LEU D 125 17.06 19.86 20.30
C LEU D 125 17.67 19.21 19.07
N TRP D 126 18.46 18.16 19.26
CA TRP D 126 19.11 17.56 18.12
C TRP D 126 18.12 16.82 17.22
N SER D 127 16.98 16.38 17.78
CA SER D 127 15.98 15.73 16.94
C SER D 127 15.23 16.73 16.08
N LEU D 128 15.02 17.95 16.59
CA LEU D 128 14.52 19.01 15.71
C LEU D 128 15.48 19.30 14.56
N VAL D 129 16.79 19.32 14.85
CA VAL D 129 17.77 19.54 13.79
C VAL D 129 17.74 18.42 12.75
N VAL D 130 17.73 17.17 13.20
CA VAL D 130 17.72 16.03 12.29
C VAL D 130 16.45 16.03 11.45
N LEU D 131 15.33 16.44 12.04
CA LEU D 131 14.07 16.49 11.30
C LEU D 131 14.15 17.53 10.18
N ALA D 132 14.76 18.67 10.46
CA ALA D 132 14.89 19.69 9.42
C ALA D 132 15.82 19.22 8.30
N ILE D 133 16.88 18.50 8.65
CA ILE D 133 17.81 18.10 7.60
C ILE D 133 17.21 16.95 6.76
N GLU D 134 16.36 16.12 7.36
CA GLU D 134 15.71 15.06 6.60
C GLU D 134 14.71 15.64 5.63
N ARG D 135 13.97 16.64 6.09
CA ARG D 135 12.96 17.27 5.25
C ARG D 135 13.59 17.95 4.05
N TYR D 136 14.72 18.64 4.27
CA TYR D 136 15.36 19.33 3.15
C TYR D 136 15.95 18.35 2.15
N VAL D 137 16.54 17.25 2.64
CA VAL D 137 17.15 16.28 1.73
C VAL D 137 16.08 15.58 0.88
N VAL D 138 14.95 15.21 1.47
CA VAL D 138 13.99 14.45 0.68
C VAL D 138 13.09 15.34 -0.18
N VAL D 139 12.93 16.63 0.12
CA VAL D 139 12.06 17.48 -0.71
C VAL D 139 12.85 18.23 -1.76
N CYS D 140 13.94 18.91 -1.38
CA CYS D 140 14.56 19.79 -2.35
C CYS D 140 15.46 19.07 -3.34
N LYS D 141 15.75 17.79 -3.12
CA LYS D 141 16.60 16.93 -3.94
C LYS D 141 17.97 17.55 -4.18
N PRO D 142 18.86 17.56 -3.21
CA PRO D 142 20.17 18.17 -3.44
C PRO D 142 21.16 17.24 -4.10
N MET D 143 21.01 15.93 -3.92
CA MET D 143 21.99 14.98 -4.37
C MET D 143 21.56 14.34 -5.68
N SER D 144 22.56 13.96 -6.47
CA SER D 144 22.33 13.34 -7.77
C SER D 144 21.85 11.90 -7.57
N ASN D 145 20.54 11.71 -7.68
CA ASN D 145 19.88 10.39 -7.58
C ASN D 145 20.14 9.73 -6.23
N PHE D 146 19.66 10.38 -5.18
CA PHE D 146 19.64 9.80 -3.84
C PHE D 146 18.20 9.72 -3.38
N ARG D 147 17.67 8.51 -3.30
CA ARG D 147 16.35 8.32 -2.74
C ARG D 147 16.49 8.10 -1.25
N PHE D 148 15.43 7.63 -0.61
CA PHE D 148 15.43 7.49 0.83
C PHE D 148 15.16 6.04 1.21
N GLY D 149 15.58 5.68 2.42
CA GLY D 149 15.46 4.30 2.84
C GLY D 149 15.21 4.12 4.32
N GLU D 150 15.74 3.04 4.89
CA GLU D 150 15.52 2.68 6.29
C GLU D 150 16.80 2.76 7.10
N ASN D 151 17.90 2.31 6.50
CA ASN D 151 19.20 2.37 7.14
C ASN D 151 19.62 3.81 7.43
N HIS D 152 19.23 4.75 6.58
CA HIS D 152 19.59 6.13 6.82
C HIS D 152 18.80 6.73 7.99
N ALA D 153 17.53 6.35 8.16
CA ALA D 153 16.76 6.89 9.27
C ALA D 153 17.21 6.30 10.60
N ILE D 154 17.56 5.00 10.63
CA ILE D 154 18.09 4.48 11.89
C ILE D 154 19.48 5.05 12.17
N MET D 155 20.24 5.41 11.12
CA MET D 155 21.49 6.15 11.30
C MET D 155 21.25 7.50 11.95
N GLY D 156 20.20 8.20 11.53
CA GLY D 156 19.93 9.52 12.10
C GLY D 156 19.50 9.47 13.54
N VAL D 157 18.71 8.47 13.91
CA VAL D 157 18.32 8.34 15.31
C VAL D 157 19.52 8.00 16.18
N ALA D 158 20.43 7.15 15.69
CA ALA D 158 21.65 6.88 16.45
C ALA D 158 22.54 8.12 16.54
N PHE D 159 22.49 8.99 15.51
CA PHE D 159 23.28 10.21 15.53
C PHE D 159 22.82 11.16 16.62
N THR D 160 21.50 11.41 16.70
CA THR D 160 21.02 12.30 17.74
C THR D 160 21.23 11.72 19.13
N TRP D 161 21.18 10.38 19.26
CA TRP D 161 21.44 9.78 20.56
C TRP D 161 22.89 9.95 20.99
N VAL D 162 23.84 9.69 20.08
CA VAL D 162 25.24 9.74 20.48
C VAL D 162 25.67 11.19 20.72
N MET D 163 25.10 12.16 20.00
CA MET D 163 25.50 13.53 20.22
C MET D 163 24.99 14.04 21.56
N ALA D 164 23.71 13.78 21.86
CA ALA D 164 23.15 14.26 23.11
C ALA D 164 23.79 13.59 24.31
N LEU D 165 24.08 12.30 24.22
CA LEU D 165 24.67 11.60 25.35
C LEU D 165 26.12 12.04 25.57
N ALA D 166 26.93 12.05 24.50
CA ALA D 166 28.33 12.39 24.69
C ALA D 166 28.56 13.88 24.90
N CYS D 167 27.53 14.72 24.78
CA CYS D 167 27.72 16.11 25.16
C CYS D 167 26.72 16.55 26.22
N ALA D 168 26.16 15.62 26.98
CA ALA D 168 25.51 15.98 28.23
C ALA D 168 25.96 15.14 29.42
N ALA D 169 26.73 14.09 29.19
CA ALA D 169 27.40 13.29 30.23
C ALA D 169 28.74 13.82 30.79
N PRO D 170 29.69 14.37 30.00
CA PRO D 170 30.98 14.80 30.61
C PRO D 170 30.85 15.89 31.67
N PRO D 171 29.71 16.57 31.79
CA PRO D 171 29.39 17.18 33.08
C PRO D 171 29.44 16.27 34.30
N LEU D 172 29.22 14.96 34.18
CA LEU D 172 29.06 14.16 35.38
C LEU D 172 30.38 13.94 36.08
N VAL D 173 31.46 13.73 35.33
CA VAL D 173 32.79 13.63 35.90
C VAL D 173 33.75 14.46 35.07
N GLY D 174 34.53 15.30 35.74
CA GLY D 174 35.50 16.10 35.03
C GLY D 174 35.05 17.49 34.65
N TRP D 175 34.59 17.64 33.39
CA TRP D 175 34.59 18.90 32.68
C TRP D 175 33.66 19.96 33.27
N SER D 176 32.68 19.57 34.07
CA SER D 176 31.80 20.57 34.67
C SER D 176 31.29 20.01 35.99
N ARG D 177 30.17 20.53 36.46
CA ARG D 177 29.62 20.14 37.75
C ARG D 177 28.11 20.30 37.71
N TYR D 178 27.37 19.37 38.30
CA TYR D 178 25.93 19.55 38.47
C TYR D 178 25.66 20.32 39.74
N ILE D 179 24.91 21.42 39.61
CA ILE D 179 24.57 22.26 40.75
C ILE D 179 23.07 22.43 40.82
N PRO D 180 22.46 22.29 41.97
CA PRO D 180 21.12 22.84 42.15
C PRO D 180 21.16 24.34 42.25
N GLU D 181 20.72 25.03 41.20
CA GLU D 181 20.78 26.48 41.11
C GLU D 181 19.40 27.05 40.83
N GLY D 182 19.12 28.20 41.43
CA GLY D 182 17.85 28.87 41.25
C GLY D 182 17.09 28.92 42.53
N MET D 183 15.87 28.40 42.52
CA MET D 183 15.11 28.24 43.75
C MET D 183 15.38 26.90 44.41
N GLN D 184 16.49 26.25 44.05
CA GLN D 184 17.00 25.03 44.66
C GLN D 184 16.01 23.88 44.49
N CYS D 185 15.40 23.82 43.32
CA CYS D 185 14.47 22.74 42.99
C CYS D 185 15.09 21.74 42.04
N SER D 186 15.56 22.18 40.87
CA SER D 186 16.14 21.28 39.90
C SER D 186 17.60 21.64 39.67
N CYS D 187 18.42 20.62 39.51
CA CYS D 187 19.82 20.83 39.20
C CYS D 187 19.99 21.12 37.72
N GLY D 188 20.76 22.14 37.39
CA GLY D 188 20.98 22.46 36.00
C GLY D 188 22.39 22.12 35.56
N ILE D 189 23.05 23.08 34.92
CA ILE D 189 24.47 22.99 34.59
C ILE D 189 25.14 24.17 35.25
N ASP D 190 26.47 24.15 35.32
CA ASP D 190 27.22 25.12 36.10
C ASP D 190 27.69 26.30 35.26
N TYR D 191 26.85 26.75 34.33
CA TYR D 191 27.22 27.86 33.45
C TYR D 191 27.33 29.18 34.20
N TYR D 192 26.71 29.26 35.37
CA TYR D 192 26.70 30.53 36.09
C TYR D 192 27.94 30.70 36.95
N THR D 193 28.38 29.64 37.61
CA THR D 193 29.39 29.79 38.65
C THR D 193 30.77 30.07 38.07
N PRO D 194 31.60 30.88 38.72
CA PRO D 194 32.96 31.11 38.25
C PRO D 194 34.01 30.14 38.77
N HIS D 195 33.62 28.98 39.29
CA HIS D 195 34.52 28.01 39.91
C HIS D 195 35.59 27.52 38.94
N GLU D 196 36.83 27.95 39.14
CA GLU D 196 37.86 27.75 38.11
C GLU D 196 38.59 26.43 38.23
N GLU D 197 38.34 25.64 39.28
CA GLU D 197 38.99 24.34 39.35
C GLU D 197 38.37 23.34 38.38
N THR D 198 37.11 23.54 38.02
CA THR D 198 36.37 22.58 37.22
C THR D 198 36.33 23.00 35.75
N ASN D 199 37.22 23.90 35.35
CA ASN D 199 37.50 24.26 33.95
C ASN D 199 36.28 24.85 33.26
N ASN D 200 35.48 25.60 34.03
CA ASN D 200 34.09 25.92 33.66
C ASN D 200 34.00 26.78 32.41
N GLU D 201 35.02 27.60 32.17
CA GLU D 201 35.04 28.47 31.01
C GLU D 201 35.03 27.68 29.71
N SER D 202 35.74 26.56 29.70
CA SER D 202 35.75 25.69 28.54
C SER D 202 34.38 25.09 28.27
N PHE D 203 33.64 24.76 29.33
CA PHE D 203 32.33 24.16 29.11
C PHE D 203 31.35 25.17 28.57
N VAL D 204 31.39 26.40 29.06
CA VAL D 204 30.43 27.38 28.54
C VAL D 204 30.76 27.72 27.09
N ILE D 205 32.05 27.87 26.76
CA ILE D 205 32.36 28.20 25.37
C ILE D 205 32.10 27.01 24.44
N TYR D 206 32.23 25.78 24.95
CA TYR D 206 31.96 24.61 24.13
C TYR D 206 30.48 24.45 23.88
N MET D 207 29.66 24.64 24.91
CA MET D 207 28.23 24.50 24.74
C MET D 207 27.68 25.58 23.83
N PHE D 208 28.19 26.82 23.95
CA PHE D 208 27.68 27.84 23.05
C PHE D 208 28.18 27.68 21.63
N VAL D 209 29.31 27.01 21.40
CA VAL D 209 29.76 26.90 20.03
C VAL D 209 29.27 25.62 19.34
N VAL D 210 28.77 24.65 20.09
CA VAL D 210 28.28 23.43 19.48
C VAL D 210 26.76 23.29 19.58
N HIS D 211 26.14 23.65 20.70
CA HIS D 211 24.73 23.32 20.90
C HIS D 211 23.77 24.46 20.66
N PHE D 212 24.23 25.62 20.21
CA PHE D 212 23.26 26.64 19.83
C PHE D 212 23.56 27.37 18.53
N ILE D 213 24.80 27.53 18.11
CA ILE D 213 25.01 28.37 16.93
C ILE D 213 24.93 27.53 15.64
N ILE D 214 25.52 26.35 15.61
CA ILE D 214 25.41 25.49 14.43
C ILE D 214 24.03 24.84 14.27
N PRO D 215 23.28 24.43 15.33
CA PRO D 215 21.88 24.07 15.09
C PRO D 215 21.02 25.19 14.55
N LEU D 216 21.25 26.42 15.01
CA LEU D 216 20.47 27.54 14.49
C LEU D 216 20.80 27.81 13.03
N ILE D 217 22.08 27.73 12.66
CA ILE D 217 22.43 28.02 11.27
C ILE D 217 21.94 26.89 10.35
N VAL D 218 21.87 25.65 10.84
CA VAL D 218 21.45 24.59 9.95
C VAL D 218 19.93 24.59 9.80
N ILE D 219 19.20 25.01 10.83
CA ILE D 219 17.74 25.13 10.69
C ILE D 219 17.41 26.26 9.73
N PHE D 220 18.14 27.38 9.80
CA PHE D 220 17.87 28.49 8.89
C PHE D 220 18.19 28.11 7.45
N PHE D 221 19.30 27.39 7.23
CA PHE D 221 19.67 26.97 5.89
C PHE D 221 18.63 26.02 5.29
N CYS D 222 18.23 25.00 6.07
CA CYS D 222 17.30 24.00 5.56
C CYS D 222 15.95 24.61 5.23
N TYR D 223 15.36 25.35 6.17
CA TYR D 223 14.02 25.84 5.91
C TYR D 223 14.01 26.98 4.92
N GLY D 224 15.12 27.71 4.76
CA GLY D 224 15.19 28.69 3.71
C GLY D 224 15.20 28.05 2.34
N GLN D 225 15.99 26.99 2.16
CA GLN D 225 15.99 26.30 0.88
C GLN D 225 14.64 25.66 0.61
N LEU D 226 13.94 25.22 1.66
CA LEU D 226 12.62 24.61 1.48
C LEU D 226 11.60 25.62 0.98
N VAL D 227 11.54 26.80 1.61
CA VAL D 227 10.54 27.77 1.21
C VAL D 227 10.87 28.37 -0.14
N PHE D 228 12.16 28.52 -0.45
CA PHE D 228 12.54 28.99 -1.79
C PHE D 228 12.16 27.97 -2.86
N THR D 229 12.33 26.68 -2.57
CA THR D 229 11.99 25.66 -3.57
C THR D 229 10.48 25.57 -3.80
N VAL D 230 9.68 25.60 -2.74
CA VAL D 230 8.24 25.51 -2.94
C VAL D 230 7.69 26.78 -3.61
N LYS D 231 8.26 27.95 -3.28
CA LYS D 231 7.82 29.18 -3.91
C LYS D 231 8.15 29.19 -5.40
N GLU D 232 9.36 28.79 -5.75
CA GLU D 232 9.73 28.74 -7.16
C GLU D 232 8.99 27.63 -7.90
N ALA D 233 8.56 26.58 -7.20
CA ALA D 233 7.79 25.53 -7.88
C ALA D 233 6.37 25.97 -8.17
N ALA D 234 5.72 26.63 -7.22
CA ALA D 234 4.38 27.13 -7.47
C ALA D 234 4.37 28.41 -8.28
N ALA D 235 5.53 28.98 -8.58
CA ALA D 235 5.55 30.10 -9.50
C ALA D 235 5.25 29.68 -10.93
N GLN D 236 5.52 28.43 -11.30
CA GLN D 236 5.38 28.05 -12.71
C GLN D 236 3.95 27.70 -13.07
N GLN D 237 3.39 26.65 -12.47
CA GLN D 237 2.05 26.18 -12.81
C GLN D 237 1.04 27.13 -12.20
N GLN D 238 0.64 28.13 -12.98
CA GLN D 238 -0.04 29.30 -12.43
C GLN D 238 -1.46 28.96 -11.98
N GLU D 239 -2.30 28.53 -12.90
CA GLU D 239 -3.73 28.38 -12.63
C GLU D 239 -4.08 27.15 -11.79
N SER D 240 -3.13 26.28 -11.50
CA SER D 240 -3.41 25.11 -10.67
C SER D 240 -3.60 25.55 -9.23
N ALA D 241 -4.83 25.49 -8.73
CA ALA D 241 -5.15 26.12 -7.45
C ALA D 241 -4.66 25.34 -6.24
N THR D 242 -4.42 24.04 -6.38
CA THR D 242 -4.06 23.24 -5.21
C THR D 242 -2.65 23.55 -4.73
N THR D 243 -1.71 23.79 -5.64
CA THR D 243 -0.40 24.20 -5.17
C THR D 243 -0.40 25.64 -4.66
N GLN D 244 -1.39 26.44 -5.09
CA GLN D 244 -1.60 27.73 -4.48
C GLN D 244 -2.17 27.62 -3.08
N LYS D 245 -2.80 26.50 -2.73
CA LYS D 245 -3.07 26.25 -1.32
C LYS D 245 -1.80 25.79 -0.61
N ALA D 246 -0.99 24.98 -1.31
CA ALA D 246 0.20 24.38 -0.72
C ALA D 246 1.23 25.41 -0.32
N GLU D 247 1.38 26.46 -1.12
CA GLU D 247 2.39 27.48 -0.88
C GLU D 247 2.12 28.21 0.44
N LYS D 248 0.86 28.59 0.65
CA LYS D 248 0.51 29.27 1.90
C LYS D 248 0.59 28.33 3.09
N GLU D 249 0.29 27.03 2.89
CA GLU D 249 0.39 26.11 4.03
C GLU D 249 1.84 25.91 4.47
N VAL D 250 2.75 25.72 3.52
CA VAL D 250 4.13 25.50 3.93
C VAL D 250 4.77 26.79 4.45
N THR D 251 4.40 27.95 3.90
CA THR D 251 5.03 29.16 4.41
C THR D 251 4.38 29.67 5.68
N ARG D 252 3.27 29.09 6.12
CA ARG D 252 2.89 29.33 7.50
C ARG D 252 3.60 28.37 8.45
N MET D 253 3.71 27.09 8.06
CA MET D 253 4.25 26.09 9.00
C MET D 253 5.74 26.30 9.27
N VAL D 254 6.50 26.75 8.27
CA VAL D 254 7.93 26.96 8.49
C VAL D 254 8.17 28.10 9.48
N ILE D 255 7.39 29.17 9.36
CA ILE D 255 7.52 30.31 10.26
C ILE D 255 7.14 29.93 11.67
N ILE D 256 6.04 29.17 11.84
CA ILE D 256 5.63 28.83 13.19
C ILE D 256 6.61 27.84 13.81
N MET D 257 7.30 27.04 12.99
CA MET D 257 8.25 26.08 13.53
C MET D 257 9.53 26.76 14.01
N VAL D 258 10.06 27.70 13.21
CA VAL D 258 11.30 28.37 13.61
C VAL D 258 11.07 29.24 14.84
N ILE D 259 9.92 29.92 14.90
CA ILE D 259 9.64 30.74 16.09
C ILE D 259 9.43 29.87 17.33
N ALA D 260 8.86 28.68 17.18
CA ALA D 260 8.72 27.77 18.32
C ALA D 260 10.07 27.31 18.84
N PHE D 261 10.97 26.93 17.95
CA PHE D 261 12.30 26.53 18.39
C PHE D 261 13.06 27.68 19.07
N LEU D 262 12.95 28.90 18.53
CA LEU D 262 13.73 30.00 19.08
C LEU D 262 13.21 30.42 20.45
N ILE D 263 11.90 30.54 20.64
CA ILE D 263 11.45 30.87 21.98
C ILE D 263 11.38 29.66 22.89
N CYS D 264 11.78 28.47 22.43
CA CYS D 264 11.98 27.43 23.42
C CYS D 264 13.42 27.26 23.86
N TRP D 265 14.41 27.71 23.10
CA TRP D 265 15.78 27.54 23.57
C TRP D 265 16.63 28.80 23.40
N LEU D 266 15.99 29.97 23.40
CA LEU D 266 16.77 31.21 23.48
C LEU D 266 17.27 31.64 24.86
N PRO D 267 16.46 31.70 25.94
CA PRO D 267 16.89 32.44 27.12
C PRO D 267 18.04 31.83 27.88
N TYR D 268 18.28 30.54 27.68
CA TYR D 268 19.51 29.93 28.19
C TYR D 268 20.74 30.57 27.57
N ALA D 269 20.75 30.69 26.24
CA ALA D 269 21.85 31.37 25.57
C ALA D 269 21.90 32.83 25.94
N GLY D 270 20.73 33.41 26.23
CA GLY D 270 20.69 34.80 26.66
C GLY D 270 21.42 35.04 27.97
N VAL D 271 21.09 34.26 29.00
CA VAL D 271 21.71 34.48 30.30
C VAL D 271 23.16 34.04 30.27
N ALA D 272 23.52 33.09 29.40
CA ALA D 272 24.92 32.68 29.34
C ALA D 272 25.78 33.76 28.71
N PHE D 273 25.29 34.38 27.64
CA PHE D 273 26.07 35.45 27.03
C PHE D 273 26.11 36.69 27.91
N TYR D 274 25.04 36.93 28.68
CA TYR D 274 25.06 38.07 29.58
C TYR D 274 26.02 37.83 30.74
N ILE D 275 26.12 36.59 31.21
CA ILE D 275 27.05 36.29 32.29
C ILE D 275 28.48 36.38 31.81
N PHE D 276 28.76 35.86 30.62
CA PHE D 276 30.11 35.94 30.10
C PHE D 276 30.50 37.34 29.67
N THR D 277 29.56 38.21 29.32
CA THR D 277 29.93 39.54 28.85
C THR D 277 30.17 40.54 29.95
N HIS D 278 29.79 40.24 31.19
CA HIS D 278 30.05 41.14 32.32
C HIS D 278 30.50 40.25 33.47
N GLN D 279 31.81 40.01 33.56
CA GLN D 279 32.35 39.16 34.61
C GLN D 279 32.15 39.85 35.94
N GLY D 280 31.15 39.38 36.68
CA GLY D 280 30.72 40.03 37.90
C GLY D 280 29.40 40.72 37.69
N SER D 281 28.31 40.08 38.10
CA SER D 281 26.97 40.63 37.96
C SER D 281 26.07 40.00 39.00
N ASP D 282 25.18 40.81 39.57
CA ASP D 282 24.26 40.36 40.61
C ASP D 282 22.89 40.10 40.00
N PHE D 283 22.18 39.14 40.57
CA PHE D 283 20.88 38.75 40.03
C PHE D 283 19.99 38.28 41.16
N GLY D 284 18.68 38.34 40.92
CA GLY D 284 17.72 37.79 41.84
C GLY D 284 17.56 36.30 41.61
N PRO D 285 17.19 35.56 42.65
CA PRO D 285 17.05 34.10 42.50
C PRO D 285 15.85 33.70 41.69
N ILE D 286 14.84 34.56 41.60
CA ILE D 286 13.70 34.29 40.75
C ILE D 286 14.05 34.55 39.29
N PHE D 287 15.12 35.30 39.04
CA PHE D 287 15.49 35.59 37.67
C PHE D 287 16.16 34.40 37.00
N MET D 288 16.86 33.56 37.76
CA MET D 288 17.52 32.43 37.16
C MET D 288 16.70 31.16 37.20
N THR D 289 15.38 31.27 37.20
CA THR D 289 14.53 30.13 36.92
C THR D 289 13.61 30.35 35.74
N ILE D 290 13.50 31.58 35.22
CA ILE D 290 12.73 31.78 33.99
C ILE D 290 13.34 31.10 32.76
N PRO D 291 14.67 30.86 32.67
CA PRO D 291 15.08 29.98 31.57
C PRO D 291 14.64 28.55 31.77
N ALA D 292 14.54 28.09 33.02
CA ALA D 292 14.05 26.75 33.27
C ALA D 292 12.57 26.65 32.90
N PHE D 293 11.81 27.71 33.15
CA PHE D 293 10.40 27.72 32.77
C PHE D 293 10.26 27.72 31.25
N PHE D 294 11.00 28.62 30.58
CA PHE D 294 10.98 28.69 29.12
C PHE D 294 11.57 27.47 28.44
N ALA D 295 12.32 26.65 29.17
CA ALA D 295 12.79 25.42 28.57
C ALA D 295 11.82 24.28 28.81
N LYS D 296 11.30 24.15 30.02
CA LYS D 296 10.44 23.02 30.32
C LYS D 296 9.05 23.17 29.75
N THR D 297 8.67 24.35 29.27
CA THR D 297 7.40 24.43 28.53
C THR D 297 7.47 23.73 27.18
N SER D 298 8.68 23.46 26.68
CA SER D 298 8.90 22.61 25.51
C SER D 298 8.77 21.13 25.83
N ALA D 299 8.20 20.77 26.98
CA ALA D 299 7.70 19.44 27.21
C ALA D 299 6.24 19.29 26.82
N VAL D 300 5.60 20.38 26.42
CA VAL D 300 4.21 20.35 25.98
C VAL D 300 4.04 21.00 24.63
N TYR D 301 4.57 22.20 24.44
CA TYR D 301 4.27 22.79 23.15
C TYR D 301 5.29 22.44 22.07
N ASN D 302 6.27 21.62 22.39
CA ASN D 302 7.12 21.07 21.33
C ASN D 302 6.48 19.89 20.62
N PRO D 303 5.81 18.91 21.26
CA PRO D 303 5.13 17.89 20.47
C PRO D 303 3.86 18.38 19.80
N VAL D 304 3.21 19.43 20.30
CA VAL D 304 1.93 19.79 19.70
C VAL D 304 2.09 20.51 18.38
N ILE D 305 3.30 20.96 18.06
CA ILE D 305 3.56 21.60 16.77
C ILE D 305 4.15 20.64 15.76
N TYR D 306 4.58 19.45 16.19
CA TYR D 306 5.12 18.45 15.28
C TYR D 306 4.26 17.21 15.12
N ILE D 307 3.30 16.98 16.01
CA ILE D 307 2.45 15.81 15.97
C ILE D 307 1.01 16.17 15.66
N MET D 308 0.39 16.99 16.51
CA MET D 308 -1.05 17.23 16.38
C MET D 308 -1.36 18.10 15.18
N MET D 309 -0.64 19.20 15.02
CA MET D 309 -0.86 20.07 13.88
C MET D 309 -0.28 19.47 12.60
N ASN D 310 0.54 18.45 12.73
CA ASN D 310 1.00 17.69 11.58
C ASN D 310 -0.17 16.91 10.98
N LYS D 311 -0.06 16.66 9.68
CA LYS D 311 -1.04 15.83 8.99
C LYS D 311 -0.76 14.36 9.30
N GLN D 312 -1.71 13.50 8.96
CA GLN D 312 -1.63 12.04 8.88
C GLN D 312 -1.60 11.39 10.26
N PHE D 313 -1.36 12.18 11.29
CA PHE D 313 -1.46 11.70 12.66
C PHE D 313 -2.81 12.04 13.26
N ARG D 314 -3.28 13.26 13.02
CA ARG D 314 -4.39 13.84 13.77
C ARG D 314 -5.70 13.14 13.46
N ASN D 315 -5.99 12.95 12.16
CA ASN D 315 -7.25 12.36 11.75
C ASN D 315 -7.35 10.89 12.13
N CYS D 316 -6.24 10.23 12.42
CA CYS D 316 -6.30 8.87 12.92
C CYS D 316 -6.32 8.81 14.44
N MET D 317 -5.56 9.69 15.10
CA MET D 317 -5.45 9.59 16.55
C MET D 317 -6.67 10.14 17.26
N VAL D 318 -7.39 11.07 16.64
CA VAL D 318 -8.65 11.52 17.25
C VAL D 318 -9.71 10.45 17.12
N THR D 319 -9.82 9.81 15.97
CA THR D 319 -10.77 8.72 15.80
C THR D 319 -10.31 7.41 16.40
N THR D 320 -9.14 7.37 17.03
CA THR D 320 -8.89 6.32 18.00
C THR D 320 -8.46 6.96 19.32
N LEU D 321 -9.02 8.13 19.64
CA LEU D 321 -9.01 8.64 20.99
C LEU D 321 -10.29 8.22 21.72
N CYS D 322 -11.45 8.54 21.13
CA CYS D 322 -12.73 8.06 21.62
C CYS D 322 -13.59 7.48 20.50
N CYS D 323 -13.08 7.49 19.26
CA CYS D 323 -13.73 6.99 18.03
C CYS D 323 -15.16 7.48 17.83
N GLY D 324 -15.43 8.72 18.27
CA GLY D 324 -16.78 9.24 18.12
C GLY D 324 -16.98 10.27 17.01
N LYS D 325 -16.10 11.26 16.94
CA LYS D 325 -16.28 12.42 16.07
C LYS D 325 -14.97 13.19 15.99
N ASN D 326 -14.93 14.16 15.11
CA ASN D 326 -13.78 15.04 15.00
C ASN D 326 -13.91 16.21 15.97
#